data_3L0Q
#
_entry.id   3L0Q
#
_cell.length_a   61.876
_cell.length_b   110.005
_cell.length_c   80.532
_cell.angle_alpha   90.00
_cell.angle_beta   99.71
_cell.angle_gamma   90.00
#
_symmetry.space_group_name_H-M   'P 1 21 1'
#
loop_
_entity.id
_entity.type
_entity.pdbx_description
1 polymer 'xylulose kinase'
2 non-polymer D-XYLULOSE
3 non-polymer '4-(2-HYDROXYETHYL)-1-PIPERAZINE ETHANESULFONIC ACID'
4 non-polymer GLYCEROL
5 water water
#
_entity_poly.entity_id   1
_entity_poly.type   'polypeptide(L)'
_entity_poly.pdbx_seq_one_letter_code
;(MSE)SLASYFIGVDVGTGSARAGVFDLQGR(MSE)VGQASREIT(MSE)FKPKADFVEQSSENIWQAVCNAVRDAVNQA
DINPIQVKGLGFDATCSLVVLDKEGNPLTVSPSGRNEQNVIVW(MSE)DHRAITQAERINATKHPVLEFVGGVISPE
(MSE)QTPKLLWLKQH(MSE)PNTWSNVGHLFDLPDFLTWRATKDETRSLCSTVCKWTYLGHEDRWDPSYFKLVGLADLL
DNNAAKIGATVKP(MSE)GAPLGHGLSQRAASE(MSE)GLIPGTAVSVSIIDAHAGTIGILGASGVTGENANFDRRIALI
GGTSTAH(MSE)A(MSE)SRSAHFISGIWGPYYSAILPEYWLNEGGQSATGALIDHIIQSHPCYPALLEQAKNKGETIYE
ALNYILRQ(MSE)AGEPENIAFLTNDIH(MSE)LPYFHGNRSPRANPNLTGIITGLKLSTTPED(MSE)ALRYLATIQAL
ALGTRHIIET(MSE)NQNGYNIDT(MSE)(MSE)ASGGGTKNPIFVQEHANATGCA(MSE)LLPEESEA(MSE)LLGSA
(MSE)(MSE)GTVAAGVFESLPEA(MSE)AA(MSE)SRIGKTVTPQTNKIKAYYDRKYRVFHQ(MSE)YHDH(MSE)RYQ
AL(MSE)QEGEGHHHHHH
;
_entity_poly.pdbx_strand_id   A,B
#
loop_
_chem_comp.id
_chem_comp.type
_chem_comp.name
_chem_comp.formula
EPE non-polymer '4-(2-HYDROXYETHYL)-1-PIPERAZINE ETHANESULFONIC ACID' 'C8 H18 N2 O4 S'
GOL non-polymer GLYCEROL 'C3 H8 O3'
XUL D-saccharide D-XYLULOSE 'C5 H10 O5'
#
# COMPACT_ATOMS: atom_id res chain seq x y z
N ALA A 4 -21.14 14.25 -9.14
CA ALA A 4 -21.16 13.87 -7.72
C ALA A 4 -19.88 14.29 -7.03
N SER A 5 -19.97 14.63 -5.76
CA SER A 5 -18.85 15.14 -4.97
C SER A 5 -18.43 14.08 -3.95
N TYR A 6 -17.13 14.02 -3.68
CA TYR A 6 -16.61 13.05 -2.69
C TYR A 6 -15.63 13.67 -1.72
N PHE A 7 -15.43 12.99 -0.61
CA PHE A 7 -14.63 13.58 0.47
C PHE A 7 -13.73 12.50 1.04
N ILE A 8 -12.50 12.88 1.35
CA ILE A 8 -11.52 11.92 1.84
C ILE A 8 -11.21 12.14 3.34
N GLY A 9 -11.21 11.03 4.08
CA GLY A 9 -10.74 11.01 5.44
C GLY A 9 -9.44 10.24 5.42
N VAL A 10 -8.42 10.78 6.08
CA VAL A 10 -7.16 10.06 6.29
C VAL A 10 -7.00 9.83 7.78
N ASP A 11 -6.71 8.60 8.15
CA ASP A 11 -6.54 8.26 9.55
C ASP A 11 -5.21 7.55 9.76
N VAL A 12 -4.28 8.14 10.48
CA VAL A 12 -2.99 7.49 10.70
C VAL A 12 -3.02 6.92 12.11
N GLY A 13 -3.10 5.59 12.19
CA GLY A 13 -3.24 4.94 13.47
C GLY A 13 -1.89 4.50 13.96
N THR A 14 -1.88 3.56 14.91
CA THR A 14 -0.61 3.08 15.43
C THR A 14 0.16 2.24 14.43
N GLY A 15 -0.54 1.39 13.71
CA GLY A 15 0.11 0.45 12.81
C GLY A 15 0.09 0.78 11.35
N SER A 16 -0.91 1.56 10.89
CA SER A 16 -1.05 1.87 9.47
CA SER A 16 -1.11 1.83 9.47
C SER A 16 -1.70 3.22 9.26
N ALA A 17 -1.44 3.77 8.07
CA ALA A 17 -2.14 4.95 7.59
C ALA A 17 -3.27 4.39 6.67
N ARG A 18 -4.50 4.84 6.90
CA ARG A 18 -5.63 4.40 6.08
C ARG A 18 -6.24 5.64 5.42
N ALA A 19 -6.87 5.45 4.27
CA ALA A 19 -7.57 6.55 3.59
C ALA A 19 -8.92 6.02 3.13
N GLY A 20 -9.97 6.84 3.25
CA GLY A 20 -11.30 6.45 2.79
C GLY A 20 -11.93 7.53 1.94
N VAL A 21 -12.68 7.15 0.90
CA VAL A 21 -13.37 8.11 0.03
C VAL A 21 -14.83 7.92 0.30
N PHE A 22 -15.50 9.00 0.69
CA PHE A 22 -16.90 8.97 1.06
C PHE A 22 -17.75 9.82 0.15
N ASP A 23 -18.97 9.33 -0.11
CA ASP A 23 -19.95 10.16 -0.75
C ASP A 23 -20.67 11.05 0.26
N LEU A 24 -21.54 11.88 -0.26
CA LEU A 24 -22.23 12.89 0.52
C LEU A 24 -23.17 12.31 1.56
N GLN A 25 -23.47 11.03 1.48
CA GLN A 25 -24.34 10.44 2.48
C GLN A 25 -23.51 9.73 3.53
N GLY A 26 -22.19 9.75 3.35
CA GLY A 26 -21.28 9.11 4.30
C GLY A 26 -21.04 7.66 4.03
N ARG A 27 -21.37 7.21 2.83
CA ARG A 27 -21.04 5.85 2.45
C ARG A 27 -19.65 5.74 1.85
N MSE A 28 -18.88 4.73 2.26
CA MSE A 28 -17.52 4.64 1.76
C MSE A 28 -17.52 4.03 0.39
O MSE A 28 -18.16 3.02 0.19
CB MSE A 28 -16.64 3.80 2.69
CG MSE A 28 -15.14 4.06 2.49
SE MSE A 28 -14.21 3.35 4.03
CE MSE A 28 -14.59 1.50 3.54
N VAL A 29 -16.78 4.61 -0.54
CA VAL A 29 -16.75 4.07 -1.92
C VAL A 29 -15.36 3.63 -2.35
N GLY A 30 -14.37 3.84 -1.52
CA GLY A 30 -13.03 3.34 -1.79
C GLY A 30 -12.21 3.48 -0.54
N GLN A 31 -11.26 2.58 -0.33
CA GLN A 31 -10.35 2.67 0.81
C GLN A 31 -9.07 1.94 0.52
N ALA A 32 -8.00 2.34 1.22
CA ALA A 32 -6.74 1.62 1.14
C ALA A 32 -5.97 1.82 2.44
N SER A 33 -4.91 1.04 2.66
CA SER A 33 -4.11 1.13 3.88
C SER A 33 -2.64 0.91 3.53
N ARG A 34 -1.74 1.45 4.37
CA ARG A 34 -0.32 1.19 4.21
C ARG A 34 0.28 1.08 5.62
N GLU A 35 1.01 0.01 5.91
CA GLU A 35 1.76 -0.08 7.16
C GLU A 35 2.75 1.04 7.43
N ILE A 36 2.85 1.42 8.69
CA ILE A 36 3.89 2.36 9.07
C ILE A 36 4.88 1.71 10.03
N THR A 37 6.18 2.04 9.87
CA THR A 37 7.22 1.38 10.62
C THR A 37 7.30 1.82 12.06
N MSE A 38 7.37 0.86 12.98
CA MSE A 38 7.56 1.14 14.40
C MSE A 38 8.96 0.74 14.86
O MSE A 38 9.50 -0.27 14.43
CB MSE A 38 6.50 0.46 15.24
CG MSE A 38 6.67 0.72 16.72
SE MSE A 38 5.22 -0.18 17.68
CE MSE A 38 3.79 1.12 17.21
N PHE A 39 9.55 1.57 15.71
CA PHE A 39 10.88 1.31 16.28
C PHE A 39 10.74 1.25 17.78
N LYS A 40 11.35 0.23 18.41
CA LYS A 40 11.32 0.11 19.85
C LYS A 40 12.74 -0.09 20.41
N PRO A 41 13.50 1.02 20.53
CA PRO A 41 14.91 1.01 20.95
C PRO A 41 15.14 0.28 22.27
N LYS A 42 14.13 0.25 23.15
CA LYS A 42 14.25 -0.40 24.44
C LYS A 42 12.92 -0.20 25.12
N ALA A 43 12.72 -0.90 26.23
CA ALA A 43 11.47 -0.85 26.98
C ALA A 43 10.94 0.58 27.20
N ASP A 44 9.64 0.77 26.96
CA ASP A 44 8.97 2.05 27.24
C ASP A 44 9.20 3.05 26.06
N PHE A 45 10.12 2.78 25.13
CA PHE A 45 10.39 3.76 24.06
C PHE A 45 9.75 3.24 22.79
N VAL A 46 8.98 4.11 22.10
CA VAL A 46 8.26 3.68 20.92
C VAL A 46 8.34 4.85 19.97
N GLU A 47 8.89 4.61 18.78
CA GLU A 47 9.15 5.69 17.83
C GLU A 47 8.67 5.34 16.42
N GLN A 48 8.42 6.40 15.64
CA GLN A 48 8.05 6.33 14.23
C GLN A 48 8.85 7.33 13.44
N SER A 49 8.67 7.29 12.11
CA SER A 49 9.30 8.23 11.16
C SER A 49 8.23 9.06 10.41
N SER A 50 8.31 10.40 10.48
CA SER A 50 7.32 11.25 9.81
C SER A 50 7.38 11.11 8.29
N GLU A 51 8.57 10.95 7.77
CA GLU A 51 8.71 10.77 6.33
C GLU A 51 8.05 9.49 5.91
N ASN A 52 8.25 8.42 6.68
CA ASN A 52 7.61 7.15 6.40
C ASN A 52 6.10 7.25 6.48
N ILE A 53 5.61 7.99 7.47
CA ILE A 53 4.18 8.16 7.64
C ILE A 53 3.60 8.92 6.46
N TRP A 54 4.28 9.98 6.08
CA TRP A 54 3.74 10.79 4.97
C TRP A 54 3.68 9.97 3.69
N GLN A 55 4.70 9.15 3.46
CA GLN A 55 4.65 8.33 2.25
C GLN A 55 3.48 7.32 2.27
N ALA A 56 3.27 6.69 3.42
CA ALA A 56 2.16 5.78 3.57
C ALA A 56 0.83 6.48 3.33
N VAL A 57 0.66 7.66 3.90
CA VAL A 57 -0.54 8.46 3.68
C VAL A 57 -0.80 8.71 2.20
N CYS A 58 0.23 9.22 1.51
CA CYS A 58 0.14 9.54 0.07
C CYS A 58 -0.21 8.30 -0.76
N ASN A 59 0.47 7.19 -0.50
CA ASN A 59 0.17 5.97 -1.22
C ASN A 59 -1.22 5.44 -0.92
N ALA A 60 -1.62 5.48 0.36
CA ALA A 60 -2.97 5.11 0.75
C ALA A 60 -4.03 5.96 0.04
N VAL A 61 -3.79 7.26 -0.04
CA VAL A 61 -4.76 8.15 -0.66
C VAL A 61 -4.86 7.80 -2.16
N ARG A 62 -3.72 7.65 -2.81
CA ARG A 62 -3.69 7.39 -4.26
C ARG A 62 -4.51 6.14 -4.60
N ASP A 63 -4.36 5.11 -3.76
CA ASP A 63 -4.94 3.80 -3.92
C ASP A 63 -6.43 3.84 -3.66
N ALA A 64 -6.84 4.57 -2.60
CA ALA A 64 -8.25 4.69 -2.23
C ALA A 64 -9.07 5.37 -3.34
N VAL A 65 -8.52 6.45 -3.90
CA VAL A 65 -9.14 7.16 -5.03
C VAL A 65 -9.23 6.23 -6.21
N ASN A 66 -8.16 5.48 -6.48
CA ASN A 66 -8.20 4.55 -7.60
CA ASN A 66 -8.18 4.52 -7.59
C ASN A 66 -9.27 3.47 -7.41
N GLN A 67 -9.38 2.95 -6.20
CA GLN A 67 -10.45 2.00 -5.95
C GLN A 67 -11.85 2.62 -6.12
N ALA A 68 -12.04 3.86 -5.68
CA ALA A 68 -13.33 4.53 -5.81
C ALA A 68 -13.74 4.71 -7.28
N ASP A 69 -12.73 4.78 -8.13
CA ASP A 69 -12.89 4.98 -9.57
C ASP A 69 -13.60 6.28 -9.86
N ILE A 70 -13.17 7.33 -9.20
CA ILE A 70 -13.75 8.63 -9.44
C ILE A 70 -12.63 9.52 -9.95
N ASN A 71 -13.01 10.69 -10.42
CA ASN A 71 -12.03 11.59 -10.89
C ASN A 71 -11.59 12.49 -9.74
N PRO A 72 -10.27 12.73 -9.59
CA PRO A 72 -9.78 13.56 -8.48
C PRO A 72 -10.49 14.92 -8.42
N ILE A 73 -10.90 15.46 -9.57
CA ILE A 73 -11.61 16.73 -9.56
C ILE A 73 -12.91 16.66 -8.76
N GLN A 74 -13.39 15.43 -8.54
CA GLN A 74 -14.61 15.16 -7.79
C GLN A 74 -14.39 15.23 -6.26
N VAL A 75 -13.15 15.15 -5.84
CA VAL A 75 -12.82 15.19 -4.40
C VAL A 75 -12.77 16.65 -3.97
N LYS A 76 -13.68 17.02 -3.07
CA LYS A 76 -13.90 18.45 -2.72
C LYS A 76 -13.26 18.83 -1.39
N GLY A 77 -13.01 17.84 -0.55
CA GLY A 77 -12.52 18.13 0.78
C GLY A 77 -11.77 16.93 1.36
N LEU A 78 -10.76 17.25 2.18
CA LEU A 78 -10.02 16.24 2.93
C LEU A 78 -10.02 16.61 4.39
N GLY A 79 -10.04 15.58 5.22
CA GLY A 79 -9.71 15.73 6.63
C GLY A 79 -8.63 14.77 7.06
N PHE A 80 -7.74 15.20 7.96
CA PHE A 80 -6.71 14.35 8.50
C PHE A 80 -6.87 14.15 10.02
N ASP A 81 -6.75 12.89 10.42
CA ASP A 81 -6.66 12.56 11.85
C ASP A 81 -5.49 11.61 12.09
N ALA A 82 -4.93 11.63 13.30
CA ALA A 82 -3.80 10.77 13.62
C ALA A 82 -3.74 10.53 15.11
N THR A 83 -2.95 9.54 15.50
CA THR A 83 -2.66 9.37 16.91
C THR A 83 -2.00 10.61 17.46
N CYS A 84 -2.10 10.80 18.78
CA CYS A 84 -1.49 11.98 19.38
C CYS A 84 0.02 11.85 19.65
N SER A 85 0.76 11.59 18.58
CA SER A 85 2.18 11.32 18.65
C SER A 85 2.92 12.64 18.39
N LEU A 86 4.18 12.70 18.73
CA LEU A 86 4.94 13.95 18.65
C LEU A 86 5.94 13.89 17.52
N VAL A 87 5.85 14.82 16.58
CA VAL A 87 6.74 14.87 15.42
C VAL A 87 7.74 15.99 15.64
N VAL A 88 9.04 15.70 15.52
CA VAL A 88 10.05 16.71 15.73
C VAL A 88 10.82 16.99 14.44
N LEU A 89 10.86 18.27 14.04
CA LEU A 89 11.58 18.67 12.84
C LEU A 89 12.61 19.78 13.15
N ASP A 90 13.66 19.87 12.35
CA ASP A 90 14.66 20.91 12.56
C ASP A 90 14.26 22.25 11.91
N LYS A 91 15.19 23.20 11.89
CA LYS A 91 14.88 24.56 11.41
C LYS A 91 14.51 24.65 9.94
N GLU A 92 14.87 23.63 9.17
CA GLU A 92 14.53 23.51 7.75
C GLU A 92 13.27 22.67 7.49
N GLY A 93 12.68 22.16 8.57
CA GLY A 93 11.50 21.32 8.47
C GLY A 93 11.79 19.86 8.14
N ASN A 94 13.03 19.42 8.36
CA ASN A 94 13.38 18.01 8.15
C ASN A 94 13.38 17.20 9.44
N PRO A 95 13.09 15.89 9.34
CA PRO A 95 13.16 15.05 10.54
C PRO A 95 14.40 15.27 11.40
N LEU A 96 14.17 15.45 12.71
CA LEU A 96 15.23 15.62 13.71
C LEU A 96 15.09 14.55 14.83
N THR A 97 16.16 13.83 15.14
CA THR A 97 16.03 12.60 15.94
C THR A 97 15.43 12.87 17.31
N VAL A 98 14.58 11.94 17.74
CA VAL A 98 14.13 11.93 19.13
C VAL A 98 14.62 10.66 19.84
N SER A 99 15.60 9.98 19.24
CA SER A 99 15.87 8.57 19.56
C SER A 99 17.24 8.34 20.24
N PRO A 100 17.31 7.36 21.14
CA PRO A 100 18.59 6.83 21.62
C PRO A 100 19.45 6.29 20.47
N SER A 101 18.81 5.99 19.35
CA SER A 101 19.53 5.51 18.17
C SER A 101 20.25 6.65 17.47
N GLY A 102 19.83 7.87 17.76
CA GLY A 102 20.36 9.06 17.11
C GLY A 102 20.06 9.15 15.62
N ARG A 103 19.15 8.34 15.10
CA ARG A 103 18.81 8.40 13.71
C ARG A 103 17.74 9.44 13.53
N ASN A 104 17.99 10.43 12.65
CA ASN A 104 17.01 11.47 12.39
C ASN A 104 15.70 10.97 11.78
N GLU A 105 15.75 9.83 11.11
CA GLU A 105 14.56 9.17 10.56
C GLU A 105 13.61 8.83 11.70
N GLN A 106 14.17 8.57 12.88
CA GLN A 106 13.38 8.28 14.08
C GLN A 106 13.06 9.55 14.82
N ASN A 107 12.06 10.27 14.30
CA ASN A 107 11.76 11.62 14.76
C ASN A 107 10.37 11.79 15.36
N VAL A 108 9.68 10.67 15.56
CA VAL A 108 8.33 10.72 16.12
C VAL A 108 8.33 9.93 17.41
N ILE A 109 7.90 10.57 18.51
CA ILE A 109 7.64 9.80 19.74
C ILE A 109 6.17 9.35 19.72
N VAL A 110 5.94 8.06 19.68
CA VAL A 110 4.55 7.60 19.51
C VAL A 110 3.75 7.83 20.82
N TRP A 111 2.45 8.04 20.67
CA TRP A 111 1.59 8.35 21.80
C TRP A 111 1.86 7.39 22.96
N MSE A 112 2.04 6.11 22.66
CA MSE A 112 2.09 5.05 23.71
C MSE A 112 3.43 4.98 24.42
O MSE A 112 3.61 4.20 25.38
CB MSE A 112 1.74 3.66 23.13
CG MSE A 112 2.64 3.31 21.95
SE MSE A 112 2.28 1.48 21.33
CE MSE A 112 0.33 1.42 21.21
N ASP A 113 4.39 5.77 23.97
CA ASP A 113 5.72 5.80 24.58
C ASP A 113 5.60 6.29 26.03
N HIS A 114 6.29 5.60 26.96
CA HIS A 114 6.28 5.97 28.38
C HIS A 114 7.64 6.39 28.91
N ARG A 115 8.50 6.87 28.02
CA ARG A 115 9.81 7.40 28.45
C ARG A 115 9.76 8.49 29.50
N ALA A 116 8.68 9.28 29.56
CA ALA A 116 8.63 10.52 30.32
C ALA A 116 7.84 10.36 31.60
N ILE A 117 7.86 9.14 32.16
CA ILE A 117 7.16 8.95 33.43
C ILE A 117 7.66 9.91 34.51
N THR A 118 8.96 10.05 34.66
CA THR A 118 9.46 10.88 35.75
C THR A 118 9.17 12.37 35.52
N GLN A 119 9.16 12.80 34.25
CA GLN A 119 8.82 14.19 33.94
C GLN A 119 7.35 14.46 34.25
N ALA A 120 6.50 13.48 33.92
CA ALA A 120 5.11 13.64 34.27
C ALA A 120 4.91 13.78 35.80
N GLU A 121 5.65 12.98 36.58
CA GLU A 121 5.56 13.06 38.01
C GLU A 121 5.99 14.44 38.51
N ARG A 122 7.09 14.93 37.97
CA ARG A 122 7.57 16.27 38.33
C ARG A 122 6.56 17.36 37.97
N ILE A 123 5.98 17.32 36.77
CA ILE A 123 4.91 18.26 36.42
C ILE A 123 3.73 18.15 37.39
N ASN A 124 3.32 16.93 37.71
CA ASN A 124 2.17 16.76 38.58
C ASN A 124 2.43 17.34 39.98
N ALA A 125 3.67 17.25 40.43
CA ALA A 125 4.05 17.76 41.76
C ALA A 125 3.93 19.29 41.87
N THR A 126 3.81 19.96 40.71
CA THR A 126 3.65 21.42 40.69
C THR A 126 2.20 21.83 41.01
N LYS A 127 1.26 20.93 40.75
CA LYS A 127 -0.12 21.26 41.01
C LYS A 127 -0.56 22.51 40.23
N HIS A 128 0.06 22.76 39.09
CA HIS A 128 -0.32 23.92 38.27
C HIS A 128 -1.76 23.85 37.87
N PRO A 129 -2.43 25.01 37.86
CA PRO A 129 -3.84 25.08 37.44
C PRO A 129 -4.18 24.38 36.11
N VAL A 130 -3.30 24.36 35.12
CA VAL A 130 -3.69 23.73 33.83
C VAL A 130 -3.92 22.25 34.02
N LEU A 131 -3.47 21.69 35.14
CA LEU A 131 -3.64 20.25 35.34
C LEU A 131 -5.10 19.87 35.64
N GLU A 132 -5.91 20.82 36.10
CA GLU A 132 -7.32 20.57 36.35
C GLU A 132 -8.04 20.11 35.08
N PHE A 133 -7.45 20.41 33.93
CA PHE A 133 -8.11 20.10 32.62
C PHE A 133 -7.58 18.79 32.03
N VAL A 134 -6.76 18.09 32.81
CA VAL A 134 -6.42 16.69 32.48
C VAL A 134 -6.77 15.78 33.63
N GLY A 135 -7.79 16.15 34.42
CA GLY A 135 -8.24 15.30 35.52
C GLY A 135 -7.30 15.35 36.72
N GLY A 136 -6.44 16.37 36.77
CA GLY A 136 -5.54 16.49 37.91
C GLY A 136 -4.18 15.84 37.79
N VAL A 137 -4.03 14.96 36.79
CA VAL A 137 -2.84 14.13 36.64
C VAL A 137 -2.44 14.09 35.17
N ILE A 138 -1.34 14.73 34.82
CA ILE A 138 -0.87 14.64 33.46
C ILE A 138 -0.27 13.24 33.22
N SER A 139 -0.51 12.68 32.04
CA SER A 139 0.05 11.41 31.63
C SER A 139 1.38 11.54 30.92
N PRO A 140 2.26 10.57 31.11
CA PRO A 140 3.51 10.61 30.37
C PRO A 140 3.25 10.48 28.87
N GLU A 141 2.05 10.06 28.46
CA GLU A 141 1.74 9.92 27.04
C GLU A 141 1.54 11.27 26.37
N MSE A 142 1.26 12.28 27.19
CA MSE A 142 1.02 13.65 26.71
C MSE A 142 2.29 14.37 26.31
O MSE A 142 3.39 13.95 26.66
CB MSE A 142 0.27 14.45 27.78
CG MSE A 142 -1.19 14.07 27.70
SE MSE A 142 -2.24 14.49 29.22
CE MSE A 142 -3.96 14.04 28.38
N GLN A 143 2.14 15.50 25.64
CA GLN A 143 3.29 16.03 24.91
C GLN A 143 4.25 16.78 25.78
N THR A 144 3.72 17.59 26.70
CA THR A 144 4.63 18.37 27.55
C THR A 144 5.56 17.53 28.42
N PRO A 145 5.09 16.41 28.98
CA PRO A 145 6.12 15.56 29.59
C PRO A 145 7.20 15.10 28.61
N LYS A 146 6.79 14.71 27.41
CA LYS A 146 7.79 14.23 26.44
C LYS A 146 8.76 15.35 26.03
N LEU A 147 8.26 16.57 25.95
CA LEU A 147 9.10 17.72 25.55
C LEU A 147 10.08 18.04 26.67
N LEU A 148 9.64 17.91 27.90
CA LEU A 148 10.57 18.06 29.04
C LEU A 148 11.64 16.97 28.96
N TRP A 149 11.22 15.74 28.64
CA TRP A 149 12.17 14.63 28.48
C TRP A 149 13.23 14.94 27.41
N LEU A 150 12.81 15.47 26.26
CA LEU A 150 13.76 15.72 25.18
C LEU A 150 14.72 16.84 25.55
N LYS A 151 14.19 17.82 26.26
CA LYS A 151 14.99 18.98 26.63
C LYS A 151 16.13 18.59 27.56
N GLN A 152 15.82 17.67 28.45
CA GLN A 152 16.79 17.16 29.43
C GLN A 152 17.77 16.17 28.80
N HIS A 153 17.25 15.22 28.03
CA HIS A 153 18.07 14.11 27.51
C HIS A 153 18.78 14.38 26.22
N MSE A 154 18.24 15.28 25.41
CA MSE A 154 18.74 15.46 24.06
C MSE A 154 18.91 16.92 23.73
O MSE A 154 18.23 17.47 22.88
CB MSE A 154 17.84 14.76 23.02
CG MSE A 154 17.80 13.28 23.33
SE MSE A 154 16.91 12.19 21.97
CE MSE A 154 18.19 12.46 20.49
N PRO A 155 19.87 17.57 24.40
CA PRO A 155 20.10 19.01 24.19
C PRO A 155 20.47 19.35 22.74
N ASN A 156 21.20 18.49 22.03
CA ASN A 156 21.56 18.74 20.64
C ASN A 156 20.33 18.79 19.76
N THR A 157 19.42 17.84 19.98
CA THR A 157 18.11 17.96 19.32
C THR A 157 17.37 19.25 19.71
N TRP A 158 17.26 19.53 21.01
CA TRP A 158 16.47 20.66 21.50
C TRP A 158 16.97 21.95 20.87
N SER A 159 18.29 22.04 20.72
CA SER A 159 18.96 23.21 20.14
C SER A 159 18.56 23.45 18.68
N ASN A 160 18.27 22.38 17.97
CA ASN A 160 18.05 22.44 16.55
C ASN A 160 16.60 22.32 16.13
N VAL A 161 15.70 22.38 17.10
CA VAL A 161 14.26 22.27 16.82
C VAL A 161 13.78 23.48 16.04
N GLY A 162 12.96 23.21 15.01
CA GLY A 162 12.27 24.23 14.29
C GLY A 162 10.78 24.09 14.47
N HIS A 163 10.31 22.84 14.44
CA HIS A 163 8.87 22.59 14.62
C HIS A 163 8.60 21.40 15.56
N LEU A 164 7.62 21.59 16.43
CA LEU A 164 7.09 20.53 17.31
C LEU A 164 5.58 20.39 17.00
N PHE A 165 5.20 19.28 16.36
CA PHE A 165 3.86 19.09 15.79
C PHE A 165 3.21 17.90 16.48
N ASP A 166 1.98 18.04 16.96
CA ASP A 166 1.16 16.84 17.20
C ASP A 166 1.03 16.19 15.82
N LEU A 167 1.14 14.85 15.74
CA LEU A 167 1.07 14.20 14.43
C LEU A 167 -0.08 14.71 13.48
N PRO A 168 -1.31 14.89 13.98
CA PRO A 168 -2.36 15.32 13.04
C PRO A 168 -2.02 16.70 12.43
N ASP A 169 -1.40 17.59 13.20
CA ASP A 169 -1.05 18.94 12.68
C ASP A 169 0.14 18.82 11.72
N PHE A 170 1.04 17.85 11.96
CA PHE A 170 2.12 17.60 11.04
C PHE A 170 1.49 17.28 9.67
N LEU A 171 0.45 16.43 9.70
CA LEU A 171 -0.17 15.99 8.45
C LEU A 171 -0.73 17.18 7.68
N THR A 172 -1.45 18.04 8.36
CA THR A 172 -2.11 19.16 7.67
C THR A 172 -1.10 20.19 7.19
N TRP A 173 -0.02 20.36 7.96
CA TRP A 173 1.04 21.26 7.58
C TRP A 173 1.74 20.74 6.32
N ARG A 174 2.04 19.43 6.30
CA ARG A 174 2.66 18.82 5.14
C ARG A 174 1.77 18.95 3.92
N ALA A 175 0.47 19.01 4.15
CA ALA A 175 -0.46 18.98 3.04
C ALA A 175 -0.69 20.39 2.51
N THR A 176 -0.54 21.40 3.36
CA THR A 176 -1.00 22.76 3.02
C THR A 176 0.06 23.87 3.18
N LYS A 177 1.15 23.57 3.89
CA LYS A 177 2.16 24.56 4.26
C LYS A 177 1.68 25.49 5.38
N ASP A 178 0.44 25.37 5.82
CA ASP A 178 -0.07 26.22 6.89
C ASP A 178 0.40 25.61 8.22
N GLU A 179 1.04 26.41 9.07
CA GLU A 179 1.49 25.95 10.39
C GLU A 179 0.43 26.10 11.47
N THR A 180 -0.79 26.48 11.07
CA THR A 180 -1.91 26.60 12.02
C THR A 180 -2.12 25.27 12.75
N ARG A 181 -2.32 25.32 14.06
CA ARG A 181 -2.57 24.10 14.86
C ARG A 181 -4.06 23.95 15.15
N SER A 182 -4.46 22.73 15.44
CA SER A 182 -5.84 22.45 15.82
C SER A 182 -6.16 22.72 17.30
N LEU A 183 -7.36 23.21 17.57
CA LEU A 183 -7.87 23.23 18.95
C LEU A 183 -7.80 21.85 19.61
N CYS A 184 -8.08 20.77 18.86
CA CYS A 184 -8.17 19.44 19.49
C CYS A 184 -6.80 19.06 20.04
N SER A 185 -5.77 19.00 19.20
CA SER A 185 -4.46 18.56 19.68
CA SER A 185 -4.43 18.57 19.65
C SER A 185 -3.86 19.49 20.74
N THR A 186 -3.86 20.79 20.50
CA THR A 186 -3.33 21.71 21.51
C THR A 186 -4.05 21.68 22.89
N VAL A 187 -5.38 21.76 22.91
CA VAL A 187 -6.15 21.73 24.16
C VAL A 187 -5.97 20.39 24.88
N CYS A 188 -6.07 19.28 24.14
CA CYS A 188 -6.02 17.96 24.81
C CYS A 188 -4.63 17.56 25.27
N LYS A 189 -3.60 17.89 24.49
CA LYS A 189 -2.30 17.29 24.76
C LYS A 189 -1.14 18.22 25.03
N TRP A 190 -1.36 19.53 24.89
CA TRP A 190 -0.31 20.54 25.06
C TRP A 190 -0.57 21.59 26.15
N THR A 191 -1.74 21.52 26.77
CA THR A 191 -2.17 22.42 27.86
C THR A 191 -2.69 23.77 27.36
N TYR A 192 -2.95 23.86 26.07
CA TYR A 192 -3.61 25.08 25.57
C TYR A 192 -4.97 25.22 26.23
N LEU A 193 -5.34 26.44 26.64
CA LEU A 193 -6.61 26.64 27.31
C LEU A 193 -7.63 27.04 26.27
N GLY A 194 -8.54 26.11 25.95
CA GLY A 194 -9.54 26.33 24.92
C GLY A 194 -10.55 27.38 25.35
N HIS A 195 -10.85 27.40 26.66
CA HIS A 195 -11.79 28.39 27.21
C HIS A 195 -11.20 29.82 27.34
N GLU A 196 -9.87 29.97 27.31
CA GLU A 196 -9.28 31.32 27.35
C GLU A 196 -8.54 31.67 26.06
N ASP A 197 -8.62 30.75 25.08
CA ASP A 197 -7.85 30.81 23.81
C ASP A 197 -6.40 31.29 23.98
N ARG A 198 -5.62 30.59 24.79
CA ARG A 198 -4.20 30.93 24.89
C ARG A 198 -3.39 29.85 25.59
N TRP A 199 -2.08 29.92 25.37
CA TRP A 199 -1.09 29.15 26.13
C TRP A 199 -0.93 29.83 27.48
N ASP A 200 -0.70 29.04 28.54
CA ASP A 200 -0.49 29.62 29.88
C ASP A 200 1.01 29.77 30.11
N PRO A 201 1.48 31.02 30.07
CA PRO A 201 2.93 31.17 30.22
C PRO A 201 3.38 30.74 31.60
N SER A 202 2.52 30.83 32.60
CA SER A 202 2.94 30.43 33.95
C SER A 202 3.21 28.93 34.01
N TYR A 203 2.47 28.15 33.22
CA TYR A 203 2.74 26.69 33.19
C TYR A 203 4.08 26.37 32.55
N PHE A 204 4.32 26.87 31.34
CA PHE A 204 5.58 26.58 30.66
C PHE A 204 6.80 27.02 31.49
N LYS A 205 6.70 28.20 32.09
CA LYS A 205 7.72 28.68 33.00
C LYS A 205 7.98 27.68 34.10
N LEU A 206 6.96 27.41 34.91
CA LEU A 206 7.09 26.58 36.10
C LEU A 206 7.70 25.20 35.81
N VAL A 207 7.52 24.74 34.58
CA VAL A 207 7.74 23.36 34.21
C VAL A 207 9.07 23.18 33.48
N GLY A 208 9.75 24.29 33.19
CA GLY A 208 11.07 24.23 32.59
C GLY A 208 11.09 24.21 31.09
N LEU A 209 10.02 24.76 30.49
CA LEU A 209 9.84 24.83 29.03
C LEU A 209 9.50 26.24 28.52
N ALA A 210 9.93 27.27 29.27
CA ALA A 210 9.59 28.65 28.91
C ALA A 210 10.01 28.97 27.47
N ASP A 211 11.10 28.36 27.01
CA ASP A 211 11.67 28.65 25.69
C ASP A 211 10.75 28.33 24.49
N LEU A 212 9.82 27.40 24.72
CA LEU A 212 8.85 27.03 23.70
C LEU A 212 7.93 28.18 23.32
N LEU A 213 7.77 29.15 24.23
CA LEU A 213 6.90 30.30 23.96
C LEU A 213 7.56 31.46 23.21
N ASP A 214 8.86 31.38 23.00
CA ASP A 214 9.61 32.40 22.24
C ASP A 214 9.04 32.62 20.82
N ASN A 215 9.34 33.77 20.22
CA ASN A 215 8.81 34.13 18.91
C ASN A 215 7.31 33.85 18.76
N ASN A 216 6.57 34.30 19.74
CA ASN A 216 5.14 34.12 19.74
C ASN A 216 4.67 32.68 19.60
N ALA A 217 5.35 31.81 20.32
CA ALA A 217 4.96 30.39 20.37
C ALA A 217 5.11 29.70 19.00
N ALA A 218 6.06 30.16 18.19
CA ALA A 218 6.25 29.63 16.83
C ALA A 218 6.54 28.13 16.72
N LYS A 219 7.32 27.58 17.66
CA LYS A 219 7.69 26.15 17.60
C LYS A 219 6.51 25.23 17.84
N ILE A 220 5.55 25.71 18.64
CA ILE A 220 4.41 24.89 19.05
C ILE A 220 3.07 25.37 18.51
N GLY A 221 3.02 26.58 17.94
CA GLY A 221 1.75 26.99 17.37
C GLY A 221 1.31 28.38 17.80
N ALA A 222 1.45 29.26 16.84
CA ALA A 222 1.14 30.65 17.06
C ALA A 222 -0.31 30.96 16.71
N THR A 223 -0.89 30.16 15.83
CA THR A 223 -2.28 30.32 15.47
C THR A 223 -3.02 29.00 15.69
N VAL A 224 -4.18 29.05 16.33
CA VAL A 224 -4.96 27.86 16.67
C VAL A 224 -6.40 28.01 16.20
N LYS A 225 -6.96 26.99 15.52
CA LYS A 225 -8.29 27.05 14.89
C LYS A 225 -9.19 25.82 15.13
N PRO A 226 -10.53 26.00 14.97
CA PRO A 226 -11.45 24.88 15.18
C PRO A 226 -11.50 23.95 13.97
N MSE A 227 -11.88 22.70 14.24
CA MSE A 227 -12.03 21.71 13.18
C MSE A 227 -13.03 22.17 12.14
O MSE A 227 -14.02 22.83 12.45
CB MSE A 227 -12.46 20.36 13.76
CG MSE A 227 -11.31 19.60 14.36
SE MSE A 227 -11.44 19.72 16.28
CE MSE A 227 -10.17 21.07 16.43
N GLY A 228 -12.79 21.80 10.90
CA GLY A 228 -13.68 22.23 9.84
C GLY A 228 -13.30 23.57 9.22
N ALA A 229 -12.43 24.32 9.87
CA ALA A 229 -11.89 25.56 9.25
C ALA A 229 -10.93 25.15 8.14
N PRO A 230 -10.94 25.88 7.01
CA PRO A 230 -10.06 25.54 5.88
C PRO A 230 -8.68 26.07 6.10
N LEU A 231 -7.67 25.26 5.77
CA LEU A 231 -6.26 25.63 6.05
C LEU A 231 -5.59 26.13 4.79
N GLY A 232 -4.61 27.01 4.94
CA GLY A 232 -3.90 27.59 3.81
C GLY A 232 -4.85 28.01 2.67
N HIS A 233 -4.50 27.57 1.46
CA HIS A 233 -5.41 27.62 0.33
C HIS A 233 -5.59 26.24 -0.30
N GLY A 234 -5.86 25.30 0.60
CA GLY A 234 -6.10 23.92 0.20
C GLY A 234 -4.79 23.21 0.00
N LEU A 235 -4.85 22.05 -0.63
CA LEU A 235 -3.65 21.25 -0.86
C LEU A 235 -2.61 22.06 -1.62
N SER A 236 -1.36 21.97 -1.17
CA SER A 236 -0.24 22.54 -1.90
C SER A 236 -0.04 21.81 -3.23
N GLN A 237 0.61 22.47 -4.20
CA GLN A 237 0.86 21.78 -5.47
C GLN A 237 1.64 20.48 -5.23
N ARG A 238 2.61 20.53 -4.31
CA ARG A 238 3.43 19.36 -4.05
C ARG A 238 2.67 18.22 -3.37
N ALA A 239 1.88 18.53 -2.34
CA ALA A 239 1.16 17.46 -1.68
C ALA A 239 0.12 16.90 -2.64
N ALA A 240 -0.50 17.77 -3.43
CA ALA A 240 -1.54 17.32 -4.34
C ALA A 240 -0.92 16.38 -5.35
N SER A 241 0.25 16.73 -5.85
CA SER A 241 0.95 15.86 -6.78
C SER A 241 1.29 14.51 -6.17
N GLU A 242 1.82 14.56 -4.95
CA GLU A 242 2.22 13.38 -4.18
C GLU A 242 1.04 12.44 -3.92
N MSE A 243 -0.16 12.99 -3.69
CA MSE A 243 -1.38 12.20 -3.46
C MSE A 243 -2.25 11.93 -4.66
O MSE A 243 -3.25 11.21 -4.55
CB MSE A 243 -2.29 12.88 -2.43
CG MSE A 243 -1.61 13.60 -1.35
SE MSE A 243 -3.06 14.16 -0.15
CE MSE A 243 -2.90 12.90 1.35
N GLY A 244 -1.91 12.52 -5.81
CA GLY A 244 -2.76 12.35 -6.97
C GLY A 244 -4.08 13.10 -6.91
N LEU A 245 -4.10 14.25 -6.23
CA LEU A 245 -5.30 15.07 -6.13
C LEU A 245 -5.06 16.42 -6.76
N ILE A 246 -6.06 17.28 -6.73
CA ILE A 246 -6.01 18.60 -7.38
C ILE A 246 -5.56 19.69 -6.40
N PRO A 247 -4.53 20.51 -6.75
CA PRO A 247 -4.12 21.59 -5.83
C PRO A 247 -5.29 22.48 -5.47
N GLY A 248 -5.32 22.94 -4.23
CA GLY A 248 -6.40 23.83 -3.78
C GLY A 248 -7.61 23.13 -3.20
N THR A 249 -7.70 21.81 -3.37
CA THR A 249 -8.73 21.02 -2.66
C THR A 249 -8.74 21.36 -1.19
N ALA A 250 -9.92 21.58 -0.63
CA ALA A 250 -10.02 22.09 0.75
C ALA A 250 -9.47 21.05 1.73
N VAL A 251 -8.70 21.53 2.72
CA VAL A 251 -8.20 20.67 3.82
C VAL A 251 -8.62 21.26 5.15
N SER A 252 -9.27 20.47 5.99
CA SER A 252 -9.66 20.96 7.31
C SER A 252 -8.46 21.03 8.28
N VAL A 253 -8.55 21.90 9.27
CA VAL A 253 -7.76 21.80 10.51
C VAL A 253 -7.80 20.33 10.95
N SER A 254 -6.71 19.83 11.54
CA SER A 254 -6.60 18.41 11.89
C SER A 254 -7.35 18.04 13.14
N ILE A 255 -7.39 16.73 13.45
CA ILE A 255 -8.03 16.26 14.69
C ILE A 255 -7.35 14.99 15.14
N ILE A 256 -7.40 14.69 16.45
CA ILE A 256 -6.78 13.47 16.92
C ILE A 256 -7.69 12.32 16.56
N ASP A 257 -7.13 11.11 16.37
CA ASP A 257 -7.90 9.99 15.86
C ASP A 257 -9.15 9.66 16.66
N ALA A 258 -9.01 9.50 17.97
CA ALA A 258 -10.17 9.13 18.77
C ALA A 258 -11.27 10.16 18.62
N HIS A 259 -10.89 11.42 18.56
CA HIS A 259 -11.85 12.52 18.36
C HIS A 259 -12.53 12.56 16.98
N ALA A 260 -11.82 12.12 15.96
CA ALA A 260 -12.43 11.96 14.65
C ALA A 260 -13.52 10.90 14.71
N GLY A 261 -13.26 9.80 15.43
CA GLY A 261 -14.27 8.76 15.56
C GLY A 261 -15.53 9.30 16.26
N THR A 262 -15.35 10.19 17.23
CA THR A 262 -16.48 10.74 17.94
C THR A 262 -17.36 11.53 16.95
N ILE A 263 -16.72 12.37 16.13
CA ILE A 263 -17.44 13.10 15.10
C ILE A 263 -18.14 12.13 14.16
N GLY A 264 -17.48 11.04 13.81
CA GLY A 264 -18.05 10.09 12.87
C GLY A 264 -19.24 9.28 13.37
N ILE A 265 -19.50 9.25 14.68
CA ILE A 265 -20.60 8.42 15.20
C ILE A 265 -21.52 9.06 16.21
N LEU A 266 -20.99 9.94 17.05
CA LEU A 266 -21.73 10.32 18.25
C LEU A 266 -22.96 11.09 17.85
N GLY A 267 -22.94 11.63 16.65
CA GLY A 267 -24.00 12.52 16.27
C GLY A 267 -25.15 11.92 15.51
N ALA A 268 -25.13 10.60 15.27
CA ALA A 268 -26.18 9.91 14.56
C ALA A 268 -27.51 10.13 15.27
N SER A 269 -28.56 10.47 14.51
CA SER A 269 -29.91 10.55 15.07
C SER A 269 -30.35 9.16 15.54
N GLY A 270 -31.28 9.13 16.49
CA GLY A 270 -31.78 7.88 17.05
C GLY A 270 -32.77 7.26 16.08
N VAL A 271 -33.19 6.04 16.36
CA VAL A 271 -34.04 5.31 15.41
C VAL A 271 -35.43 5.88 15.28
N THR A 272 -35.77 6.89 16.06
CA THR A 272 -37.12 7.43 15.98
C THR A 272 -37.08 8.93 15.67
N GLY A 273 -35.92 9.40 15.19
CA GLY A 273 -35.79 10.77 14.73
C GLY A 273 -35.11 11.75 15.69
N GLU A 274 -34.98 11.35 16.95
CA GLU A 274 -34.50 12.25 18.00
C GLU A 274 -33.04 12.63 17.82
N ASN A 275 -32.71 13.86 18.22
CA ASN A 275 -31.31 14.27 18.26
C ASN A 275 -30.53 13.41 19.24
N ALA A 276 -29.30 13.04 18.87
CA ALA A 276 -28.35 12.52 19.85
C ALA A 276 -28.48 13.35 21.13
N ASN A 277 -28.43 12.68 22.29
CA ASN A 277 -28.52 13.33 23.61
C ASN A 277 -27.24 13.07 24.42
N PHE A 278 -26.37 14.06 24.50
CA PHE A 278 -25.07 13.83 25.07
C PHE A 278 -25.07 13.59 26.58
N ASP A 279 -26.20 13.81 27.25
CA ASP A 279 -26.30 13.50 28.67
C ASP A 279 -26.33 12.00 28.92
N ARG A 280 -26.81 11.25 27.94
CA ARG A 280 -27.09 9.84 28.08
C ARG A 280 -26.23 8.91 27.18
N ARG A 281 -25.47 9.50 26.30
CA ARG A 281 -24.80 8.79 25.24
C ARG A 281 -23.32 9.12 25.28
N ILE A 282 -22.48 8.11 25.38
CA ILE A 282 -21.07 8.26 25.31
C ILE A 282 -20.58 7.68 23.98
N ALA A 283 -19.49 8.17 23.45
CA ALA A 283 -18.84 7.53 22.34
C ALA A 283 -17.76 6.57 22.84
N LEU A 284 -17.80 5.34 22.37
CA LEU A 284 -16.78 4.38 22.74
C LEU A 284 -16.01 4.10 21.46
N ILE A 285 -14.90 4.78 21.29
CA ILE A 285 -14.13 4.75 20.03
C ILE A 285 -13.05 3.70 20.12
N GLY A 286 -13.31 2.52 19.57
CA GLY A 286 -12.40 1.40 19.72
C GLY A 286 -11.30 1.34 18.67
N GLY A 287 -10.42 0.39 18.87
CA GLY A 287 -9.26 0.18 18.01
C GLY A 287 -8.16 -0.39 18.88
N THR A 288 -6.92 -0.05 18.58
CA THR A 288 -5.74 -0.46 19.37
C THR A 288 -5.95 -0.17 20.85
N SER A 289 -6.39 1.06 21.06
CA SER A 289 -6.85 1.61 22.34
C SER A 289 -8.30 2.07 22.19
N THR A 290 -8.94 2.44 23.30
CA THR A 290 -10.33 2.90 23.21
C THR A 290 -10.48 4.19 23.96
N ALA A 291 -11.26 5.10 23.37
CA ALA A 291 -11.56 6.36 24.02
C ALA A 291 -13.03 6.36 24.45
N HIS A 292 -13.35 7.07 25.52
CA HIS A 292 -14.66 7.06 26.09
C HIS A 292 -15.04 8.51 26.20
N MSE A 293 -15.85 8.99 25.26
CA MSE A 293 -16.00 10.45 25.05
C MSE A 293 -17.39 10.90 25.42
O MSE A 293 -18.38 10.40 24.85
CB MSE A 293 -15.77 10.77 23.60
CG MSE A 293 -14.66 10.06 22.93
SE MSE A 293 -13.12 10.93 23.65
CE MSE A 293 -12.98 11.92 22.17
N ALA A 294 -17.48 11.86 26.34
CA ALA A 294 -18.74 12.45 26.79
C ALA A 294 -18.62 13.97 26.63
N MSE A 295 -19.68 14.60 26.13
CA MSE A 295 -19.68 16.08 26.02
C MSE A 295 -20.87 16.69 26.73
O MSE A 295 -21.95 16.09 26.83
CB MSE A 295 -19.65 16.49 24.54
CG MSE A 295 -18.31 16.20 23.88
SE MSE A 295 -18.35 16.95 22.13
CE MSE A 295 -20.30 17.02 22.15
N SER A 296 -20.67 17.94 27.18
CA SER A 296 -21.63 18.71 27.94
C SER A 296 -21.45 20.22 27.65
N ARG A 297 -22.53 20.94 27.81
CA ARG A 297 -22.50 22.41 27.73
C ARG A 297 -21.77 22.99 28.94
N SER A 298 -21.66 22.17 30.00
CA SER A 298 -21.08 22.55 31.28
C SER A 298 -19.73 21.89 31.56
N ALA A 299 -18.93 22.48 32.44
CA ALA A 299 -17.63 21.95 32.77
C ALA A 299 -17.83 20.99 33.92
N HIS A 300 -17.34 19.76 33.76
CA HIS A 300 -17.31 18.82 34.88
C HIS A 300 -15.86 18.43 35.09
N PHE A 301 -15.32 18.66 36.27
CA PHE A 301 -13.98 18.21 36.60
C PHE A 301 -14.03 16.85 37.23
N ILE A 302 -13.31 15.90 36.65
CA ILE A 302 -13.41 14.50 37.10
C ILE A 302 -12.04 13.93 37.33
N SER A 303 -11.76 13.51 38.57
CA SER A 303 -10.46 13.02 38.89
C SER A 303 -10.19 11.78 38.03
N GLY A 304 -9.06 11.80 37.34
CA GLY A 304 -8.56 10.63 36.63
C GLY A 304 -9.16 10.46 35.24
N ILE A 305 -9.89 11.49 34.81
CA ILE A 305 -10.43 11.55 33.47
C ILE A 305 -9.98 12.85 32.80
N TRP A 306 -9.39 12.72 31.61
CA TRP A 306 -8.86 13.88 30.91
C TRP A 306 -9.99 14.87 30.59
N GLY A 307 -9.67 16.16 30.44
CA GLY A 307 -10.65 17.21 30.35
C GLY A 307 -10.93 17.78 31.73
N PRO A 308 -11.92 18.68 31.81
CA PRO A 308 -12.85 19.04 30.74
C PRO A 308 -12.16 19.93 29.73
N TYR A 309 -12.32 19.60 28.46
CA TYR A 309 -11.61 20.30 27.39
C TYR A 309 -12.64 21.15 26.59
N TYR A 310 -12.58 22.50 26.68
CA TYR A 310 -13.55 23.34 25.96
C TYR A 310 -13.26 23.43 24.45
N SER A 311 -14.28 23.16 23.64
CA SER A 311 -14.21 23.24 22.17
C SER A 311 -13.16 22.33 21.54
N ALA A 312 -12.84 21.23 22.21
CA ALA A 312 -11.89 20.28 21.65
C ALA A 312 -12.45 19.39 20.52
N ILE A 313 -13.76 19.22 20.45
CA ILE A 313 -14.38 18.58 19.27
C ILE A 313 -15.47 19.48 18.69
N LEU A 314 -16.55 19.69 19.43
CA LEU A 314 -17.58 20.66 19.00
C LEU A 314 -17.41 22.06 19.64
N PRO A 315 -17.57 23.13 18.84
CA PRO A 315 -17.59 24.44 19.48
C PRO A 315 -18.63 24.54 20.60
N GLU A 316 -18.24 25.16 21.73
CA GLU A 316 -19.17 25.44 22.82
C GLU A 316 -19.57 24.19 23.64
N TYR A 317 -18.90 23.07 23.38
CA TYR A 317 -19.02 21.90 24.26
C TYR A 317 -17.75 21.63 25.02
N TRP A 318 -17.88 21.24 26.29
CA TRP A 318 -16.74 20.73 27.03
C TRP A 318 -16.64 19.20 26.83
N LEU A 319 -15.43 18.72 26.57
CA LEU A 319 -15.26 17.25 26.38
C LEU A 319 -14.66 16.64 27.61
N ASN A 320 -15.24 15.54 28.08
CA ASN A 320 -14.65 14.73 29.15
C ASN A 320 -14.19 13.49 28.42
N GLU A 321 -12.89 13.24 28.42
CA GLU A 321 -12.30 12.14 27.64
C GLU A 321 -11.68 11.06 28.53
N GLY A 322 -12.35 9.95 28.66
CA GLY A 322 -11.78 8.76 29.30
C GLY A 322 -11.07 7.91 28.25
N GLY A 323 -10.36 6.89 28.71
CA GLY A 323 -9.79 5.96 27.77
C GLY A 323 -9.23 4.73 28.45
N GLN A 324 -9.02 3.74 27.62
CA GLN A 324 -8.23 2.55 27.95
C GLN A 324 -7.08 2.41 26.97
N SER A 325 -5.85 2.33 27.46
CA SER A 325 -4.69 2.38 26.58
C SER A 325 -4.48 1.15 25.72
N ALA A 326 -4.94 0.00 26.20
CA ALA A 326 -4.84 -1.21 25.39
C ALA A 326 -6.13 -1.98 25.38
N THR A 327 -6.82 -2.05 24.24
CA THR A 327 -8.09 -2.77 24.18
C THR A 327 -7.98 -3.76 23.03
N GLY A 328 -8.14 -3.31 21.80
CA GLY A 328 -7.77 -4.19 20.71
C GLY A 328 -6.38 -4.75 20.80
N ALA A 329 -5.44 -3.91 21.23
CA ALA A 329 -4.06 -4.37 21.34
C ALA A 329 -3.97 -5.47 22.38
N LEU A 330 -4.79 -5.36 23.42
CA LEU A 330 -4.71 -6.37 24.48
C LEU A 330 -5.36 -7.70 24.04
N ILE A 331 -6.53 -7.59 23.39
CA ILE A 331 -7.17 -8.79 22.91
C ILE A 331 -6.24 -9.50 21.93
N ASP A 332 -5.64 -8.74 21.04
CA ASP A 332 -4.76 -9.39 20.06
C ASP A 332 -3.50 -9.97 20.69
N HIS A 333 -2.99 -9.33 21.74
CA HIS A 333 -1.84 -9.84 22.51
C HIS A 333 -2.20 -11.22 23.14
N ILE A 334 -3.34 -11.26 23.82
CA ILE A 334 -3.79 -12.48 24.50
C ILE A 334 -4.06 -13.59 23.50
N ILE A 335 -4.70 -13.28 22.37
CA ILE A 335 -4.95 -14.27 21.33
C ILE A 335 -3.66 -14.78 20.68
N GLN A 336 -2.88 -13.83 20.18
CA GLN A 336 -1.73 -14.16 19.33
C GLN A 336 -0.57 -14.75 20.10
N SER A 337 -0.49 -14.48 21.42
CA SER A 337 0.62 -15.01 22.23
CA SER A 337 0.63 -15.03 22.18
C SER A 337 0.34 -16.45 22.64
N HIS A 338 -0.87 -16.94 22.40
CA HIS A 338 -1.18 -18.29 22.91
C HIS A 338 -0.64 -19.37 21.97
N PRO A 339 -0.02 -20.41 22.52
CA PRO A 339 0.53 -21.44 21.64
C PRO A 339 -0.47 -22.10 20.67
N CYS A 340 -1.74 -22.15 21.03
CA CYS A 340 -2.74 -22.75 20.13
C CYS A 340 -3.19 -21.83 18.98
N TYR A 341 -2.72 -20.60 18.96
CA TYR A 341 -3.15 -19.65 17.96
C TYR A 341 -2.91 -20.11 16.50
N PRO A 342 -1.69 -20.54 16.18
CA PRO A 342 -1.50 -20.85 14.74
C PRO A 342 -2.39 -21.97 14.25
N ALA A 343 -2.51 -23.04 15.03
CA ALA A 343 -3.39 -24.12 14.64
C ALA A 343 -4.85 -23.65 14.50
N LEU A 344 -5.33 -22.84 15.46
CA LEU A 344 -6.71 -22.40 15.41
C LEU A 344 -6.96 -21.47 14.22
N LEU A 345 -6.00 -20.60 13.94
CA LEU A 345 -6.08 -19.69 12.80
C LEU A 345 -6.25 -20.52 11.49
N GLU A 346 -5.48 -21.58 11.37
CA GLU A 346 -5.57 -22.47 10.18
C GLU A 346 -6.96 -23.08 10.08
N GLN A 347 -7.53 -23.51 11.22
CA GLN A 347 -8.87 -24.10 11.18
C GLN A 347 -9.91 -23.02 10.89
N ALA A 348 -9.70 -21.81 11.44
CA ALA A 348 -10.56 -20.69 11.15
C ALA A 348 -10.62 -20.47 9.62
N LYS A 349 -9.47 -20.36 8.98
CA LYS A 349 -9.44 -20.15 7.52
C LYS A 349 -10.12 -21.29 6.75
N ASN A 350 -9.88 -22.53 7.13
CA ASN A 350 -10.62 -23.65 6.53
C ASN A 350 -12.14 -23.54 6.60
N LYS A 351 -12.68 -22.88 7.63
CA LYS A 351 -14.14 -22.67 7.75
C LYS A 351 -14.61 -21.29 7.27
N GLY A 352 -13.68 -20.49 6.74
CA GLY A 352 -13.99 -19.15 6.25
C GLY A 352 -14.38 -18.18 7.36
N GLU A 353 -13.63 -18.21 8.46
CA GLU A 353 -13.95 -17.57 9.72
C GLU A 353 -12.76 -16.73 10.14
N THR A 354 -13.01 -15.70 10.92
CA THR A 354 -11.94 -14.98 11.63
C THR A 354 -11.53 -15.74 12.89
N ILE A 355 -10.41 -15.36 13.50
CA ILE A 355 -9.99 -16.05 14.72
C ILE A 355 -11.03 -15.76 15.82
N TYR A 356 -11.59 -14.55 15.83
CA TYR A 356 -12.65 -14.20 16.80
C TYR A 356 -13.89 -15.11 16.70
N GLU A 357 -14.35 -15.37 15.48
CA GLU A 357 -15.46 -16.30 15.26
C GLU A 357 -15.11 -17.73 15.72
N ALA A 358 -13.88 -18.16 15.46
CA ALA A 358 -13.46 -19.50 15.87
C ALA A 358 -13.44 -19.59 17.40
N LEU A 359 -12.91 -18.55 18.07
CA LEU A 359 -12.96 -18.56 19.55
C LEU A 359 -14.39 -18.47 20.09
N ASN A 360 -15.22 -17.65 19.44
CA ASN A 360 -16.60 -17.51 19.88
C ASN A 360 -17.35 -18.84 19.76
N TYR A 361 -17.00 -19.61 18.72
CA TYR A 361 -17.60 -20.94 18.57
C TYR A 361 -17.21 -21.87 19.71
N ILE A 362 -15.94 -21.85 20.11
CA ILE A 362 -15.46 -22.71 21.18
C ILE A 362 -16.19 -22.31 22.44
N LEU A 363 -16.35 -21.01 22.66
CA LEU A 363 -17.05 -20.56 23.87
C LEU A 363 -18.47 -21.08 23.87
N ARG A 364 -19.12 -20.96 22.74
CA ARG A 364 -20.51 -21.43 22.61
C ARG A 364 -20.63 -22.92 22.94
N GLN A 365 -19.71 -23.71 22.39
CA GLN A 365 -19.65 -25.15 22.66
C GLN A 365 -19.43 -25.46 24.14
N MSE A 366 -18.51 -24.73 24.77
CA MSE A 366 -18.17 -24.96 26.18
C MSE A 366 -19.30 -24.63 27.13
O MSE A 366 -19.44 -25.27 28.18
CB MSE A 366 -16.92 -24.14 26.59
CG MSE A 366 -15.66 -24.61 25.93
SE MSE A 366 -14.22 -23.33 26.42
CE MSE A 366 -13.86 -24.01 28.18
N ALA A 367 -20.07 -23.61 26.77
CA ALA A 367 -21.17 -23.08 27.61
C ALA A 367 -22.45 -23.93 27.51
N GLY A 368 -22.59 -24.66 26.42
CA GLY A 368 -23.88 -25.28 26.11
C GLY A 368 -24.77 -24.20 25.48
N GLU A 369 -25.49 -23.45 26.29
CA GLU A 369 -26.33 -22.40 25.75
C GLU A 369 -25.59 -21.08 25.60
N PRO A 370 -26.00 -20.28 24.64
CA PRO A 370 -25.35 -18.97 24.41
C PRO A 370 -25.40 -18.08 25.64
N GLU A 371 -26.48 -18.16 26.39
CA GLU A 371 -26.65 -17.31 27.57
C GLU A 371 -25.81 -17.73 28.81
N ASN A 372 -25.11 -18.85 28.71
CA ASN A 372 -24.21 -19.25 29.76
C ASN A 372 -22.74 -18.89 29.51
N ILE A 373 -22.47 -18.26 28.35
CA ILE A 373 -21.10 -17.99 27.96
C ILE A 373 -20.38 -17.12 29.01
N ALA A 374 -21.10 -16.12 29.55
CA ALA A 374 -20.41 -15.21 30.50
C ALA A 374 -19.86 -15.94 31.70
N PHE A 375 -20.54 -16.99 32.14
CA PHE A 375 -20.20 -17.65 33.39
C PHE A 375 -18.97 -18.56 33.26
N LEU A 376 -18.49 -18.78 32.04
CA LEU A 376 -17.33 -19.62 31.86
C LEU A 376 -16.09 -19.13 32.61
N THR A 377 -16.04 -17.83 32.89
CA THR A 377 -14.85 -17.29 33.57
C THR A 377 -15.14 -17.05 35.06
N ASN A 378 -15.95 -17.92 35.65
CA ASN A 378 -16.32 -17.69 37.02
C ASN A 378 -15.10 -17.66 37.96
N ASP A 379 -14.07 -18.40 37.58
CA ASP A 379 -12.85 -18.52 38.36
C ASP A 379 -11.65 -18.00 37.65
N ILE A 380 -11.84 -17.24 36.57
CA ILE A 380 -10.72 -16.71 35.84
C ILE A 380 -10.89 -15.20 35.73
N HIS A 381 -9.94 -14.44 36.24
CA HIS A 381 -10.16 -12.97 36.25
C HIS A 381 -8.96 -12.26 35.75
N MSE A 382 -9.17 -11.10 35.12
CA MSE A 382 -8.03 -10.35 34.60
C MSE A 382 -8.13 -8.90 35.05
O MSE A 382 -9.22 -8.34 35.02
CB MSE A 382 -8.00 -10.37 33.06
CG MSE A 382 -6.90 -9.41 32.52
SE MSE A 382 -6.85 -9.46 30.55
CE MSE A 382 -6.09 -11.12 30.27
N LEU A 383 -7.02 -8.33 35.53
CA LEU A 383 -6.90 -6.86 35.70
C LEU A 383 -6.20 -6.38 34.42
N PRO A 384 -6.86 -5.54 33.60
CA PRO A 384 -6.37 -5.33 32.23
C PRO A 384 -5.36 -4.19 32.02
N TYR A 385 -4.71 -3.76 33.11
CA TYR A 385 -3.87 -2.56 33.06
C TYR A 385 -2.49 -2.90 32.53
N PHE A 386 -2.41 -3.60 31.38
CA PHE A 386 -1.11 -4.07 30.88
C PHE A 386 -0.14 -2.93 30.50
N HIS A 387 -0.73 -1.82 30.11
CA HIS A 387 0.01 -0.59 29.75
C HIS A 387 -0.36 0.53 30.70
N GLY A 388 -0.50 0.18 31.98
CA GLY A 388 -1.02 1.14 32.95
C GLY A 388 -2.51 1.34 32.84
N ASN A 389 -3.08 2.22 33.64
CA ASN A 389 -4.48 2.60 33.50
C ASN A 389 -4.53 4.08 33.18
N ARG A 390 -5.31 4.42 32.15
CA ARG A 390 -5.52 5.80 31.75
C ARG A 390 -6.65 6.43 32.57
N SER A 391 -7.83 5.81 32.52
CA SER A 391 -8.98 6.31 33.30
C SER A 391 -9.66 5.16 33.99
N PRO A 392 -10.18 5.38 35.19
CA PRO A 392 -10.12 6.67 35.89
C PRO A 392 -9.01 6.72 36.94
N ARG A 393 -8.13 5.72 36.96
CA ARG A 393 -7.05 5.69 37.97
C ARG A 393 -5.84 6.58 37.63
N ALA A 394 -5.60 6.81 36.34
CA ALA A 394 -4.51 7.67 35.87
C ALA A 394 -3.15 7.32 36.46
N ASN A 395 -2.70 6.08 36.25
CA ASN A 395 -1.47 5.59 36.83
C ASN A 395 -0.76 4.70 35.81
N PRO A 396 0.31 5.19 35.22
CA PRO A 396 0.92 4.52 34.07
C PRO A 396 1.79 3.38 34.54
N ASN A 397 1.90 3.20 35.86
CA ASN A 397 2.80 2.23 36.47
C ASN A 397 2.06 0.93 36.75
N LEU A 398 0.73 0.97 36.67
CA LEU A 398 -0.07 -0.24 36.91
C LEU A 398 0.25 -1.29 35.85
N THR A 399 0.07 -2.56 36.22
CA THR A 399 0.29 -3.69 35.32
C THR A 399 -0.87 -4.72 35.38
N GLY A 400 -0.82 -5.70 34.50
CA GLY A 400 -1.87 -6.69 34.41
C GLY A 400 -1.71 -7.84 35.38
N ILE A 401 -2.85 -8.49 35.67
CA ILE A 401 -2.87 -9.68 36.50
C ILE A 401 -3.80 -10.65 35.84
N ILE A 402 -3.46 -11.96 35.83
CA ILE A 402 -4.41 -12.98 35.36
C ILE A 402 -4.45 -14.07 36.44
N THR A 403 -5.65 -14.50 36.79
CA THR A 403 -5.84 -15.53 37.81
C THR A 403 -6.48 -16.76 37.17
N GLY A 404 -6.46 -17.88 37.90
CA GLY A 404 -7.12 -19.09 37.43
C GLY A 404 -6.27 -19.87 36.43
N LEU A 405 -4.96 -19.67 36.43
CA LEU A 405 -4.04 -20.28 35.45
C LEU A 405 -3.83 -21.77 35.74
N LYS A 406 -3.80 -22.57 34.66
CA LYS A 406 -3.55 -24.02 34.79
C LYS A 406 -2.44 -24.41 33.80
N LEU A 407 -1.88 -25.62 33.96
CA LEU A 407 -0.88 -26.10 33.01
C LEU A 407 -1.40 -26.34 31.54
N SER A 408 -2.68 -26.47 31.42
CA SER A 408 -3.33 -26.85 30.20
C SER A 408 -2.98 -25.86 29.08
N THR A 409 -2.68 -26.35 27.88
CA THR A 409 -2.50 -25.49 26.72
C THR A 409 -3.38 -26.03 25.60
N THR A 410 -4.63 -25.60 25.60
CA THR A 410 -5.64 -26.08 24.67
C THR A 410 -6.36 -24.88 24.03
N PRO A 411 -7.14 -25.11 22.97
CA PRO A 411 -7.92 -24.02 22.41
C PRO A 411 -8.99 -23.54 23.41
N GLU A 412 -9.48 -24.44 24.26
CA GLU A 412 -10.44 -24.05 25.31
C GLU A 412 -9.80 -23.06 26.30
N ASP A 413 -8.56 -23.32 26.73
CA ASP A 413 -7.86 -22.39 27.60
C ASP A 413 -7.68 -21.04 26.91
N MSE A 414 -7.33 -21.11 25.63
CA MSE A 414 -7.15 -19.89 24.88
C MSE A 414 -8.45 -19.07 24.83
O MSE A 414 -8.43 -17.84 25.00
CB MSE A 414 -6.70 -20.23 23.43
CG MSE A 414 -6.43 -18.99 22.60
SE MSE A 414 -5.87 -19.58 20.82
CE MSE A 414 -6.20 -17.99 19.94
N ALA A 415 -9.56 -19.76 24.57
CA ALA A 415 -10.86 -19.09 24.43
C ALA A 415 -11.26 -18.49 25.77
N LEU A 416 -11.00 -19.22 26.87
CA LEU A 416 -11.40 -18.68 28.17
C LEU A 416 -10.62 -17.42 28.50
N ARG A 417 -9.34 -17.39 28.17
CA ARG A 417 -8.48 -16.23 28.47
C ARG A 417 -8.90 -14.99 27.62
N TYR A 418 -9.27 -15.27 26.37
CA TYR A 418 -9.83 -14.26 25.48
C TYR A 418 -11.13 -13.69 26.09
N LEU A 419 -12.06 -14.56 26.50
CA LEU A 419 -13.29 -14.10 27.13
C LEU A 419 -12.98 -13.26 28.37
N ALA A 420 -12.07 -13.72 29.22
CA ALA A 420 -11.70 -13.00 30.46
C ALA A 420 -11.21 -11.60 30.06
N THR A 421 -10.48 -11.51 28.96
CA THR A 421 -10.01 -10.21 28.48
C THR A 421 -11.12 -9.30 28.07
N ILE A 422 -12.04 -9.81 27.27
CA ILE A 422 -13.15 -9.01 26.84
C ILE A 422 -13.92 -8.49 28.07
N GLN A 423 -14.14 -9.37 29.00
CA GLN A 423 -14.89 -8.99 30.17
C GLN A 423 -14.17 -7.97 31.04
N ALA A 424 -12.87 -8.10 31.17
CA ALA A 424 -12.03 -7.18 31.91
C ALA A 424 -12.10 -5.78 31.26
N LEU A 425 -12.02 -5.76 29.93
CA LEU A 425 -12.18 -4.46 29.26
C LEU A 425 -13.57 -3.88 29.45
N ALA A 426 -14.61 -4.70 29.40
CA ALA A 426 -15.97 -4.21 29.68
C ALA A 426 -16.13 -3.68 31.08
N LEU A 427 -15.47 -4.33 32.02
CA LEU A 427 -15.58 -3.88 33.42
C LEU A 427 -14.83 -2.58 33.61
N GLY A 428 -13.71 -2.41 32.92
CA GLY A 428 -12.97 -1.14 32.88
C GLY A 428 -13.81 -0.04 32.28
N THR A 429 -14.66 -0.40 31.32
CA THR A 429 -15.52 0.58 30.69
C THR A 429 -16.63 0.99 31.65
N ARG A 430 -17.13 0.01 32.40
CA ARG A 430 -18.11 0.25 33.44
C ARG A 430 -17.55 1.23 34.46
N HIS A 431 -16.30 1.06 34.83
CA HIS A 431 -15.69 1.91 35.86
C HIS A 431 -15.69 3.37 35.35
N ILE A 432 -15.30 3.54 34.10
CA ILE A 432 -15.29 4.90 33.51
C ILE A 432 -16.66 5.51 33.43
N ILE A 433 -17.63 4.73 32.95
CA ILE A 433 -19.01 5.21 32.85
C ILE A 433 -19.60 5.57 34.22
N GLU A 434 -19.37 4.69 35.22
CA GLU A 434 -19.83 4.99 36.57
C GLU A 434 -19.22 6.28 37.12
N THR A 435 -17.97 6.52 36.77
CA THR A 435 -17.27 7.71 37.20
C THR A 435 -17.89 8.95 36.53
N MSE A 436 -18.21 8.86 35.25
CA MSE A 436 -18.85 9.99 34.57
C MSE A 436 -20.23 10.24 35.17
O MSE A 436 -20.64 11.40 35.31
CB MSE A 436 -18.94 9.73 33.05
CG MSE A 436 -17.59 9.85 32.50
SE MSE A 436 -17.61 9.27 30.65
CE MSE A 436 -15.87 9.99 30.15
N ASN A 437 -20.95 9.19 35.51
CA ASN A 437 -22.27 9.34 36.09
C ASN A 437 -22.24 9.87 37.50
N GLN A 438 -21.06 9.84 38.14
CA GLN A 438 -20.93 10.50 39.47
C GLN A 438 -20.57 11.97 39.30
N ASN A 439 -20.43 12.42 38.06
CA ASN A 439 -19.85 13.73 37.79
C ASN A 439 -20.57 14.48 36.67
N GLY A 440 -21.88 14.37 36.63
CA GLY A 440 -22.65 15.20 35.74
C GLY A 440 -23.36 14.55 34.59
N TYR A 441 -23.10 13.27 34.34
CA TYR A 441 -23.74 12.58 33.23
C TYR A 441 -24.78 11.59 33.72
N ASN A 442 -25.65 11.14 32.81
CA ASN A 442 -26.58 10.05 33.03
C ASN A 442 -26.52 9.01 31.89
N ILE A 443 -25.35 8.44 31.69
CA ILE A 443 -25.04 7.67 30.48
C ILE A 443 -25.74 6.34 30.66
N ASP A 444 -26.51 5.95 29.65
CA ASP A 444 -27.11 4.64 29.61
C ASP A 444 -26.93 3.97 28.23
N THR A 445 -26.19 4.64 27.35
CA THR A 445 -25.96 4.14 25.97
C THR A 445 -24.57 4.45 25.49
N MSE A 446 -23.97 3.51 24.76
CA MSE A 446 -22.68 3.73 24.14
C MSE A 446 -22.81 3.64 22.64
O MSE A 446 -23.34 2.67 22.15
CB MSE A 446 -21.69 2.65 24.58
CG MSE A 446 -21.52 2.57 26.08
SE MSE A 446 -20.52 0.96 26.69
CE MSE A 446 -21.93 -0.38 26.72
N MSE A 447 -22.36 4.65 21.94
CA MSE A 447 -22.22 4.64 20.50
CA MSE A 447 -22.25 4.59 20.50
C MSE A 447 -20.83 4.11 20.21
O MSE A 447 -19.86 4.80 20.54
CB MSE A 447 -22.24 6.09 20.00
CB MSE A 447 -22.55 5.95 19.84
CG MSE A 447 -23.23 6.91 20.75
CG MSE A 447 -22.36 6.00 18.31
SE MSE A 447 -24.91 6.29 20.13
SE MSE A 447 -23.50 4.84 17.24
CE MSE A 447 -24.60 6.40 18.21
CE MSE A 447 -25.20 5.69 17.64
N ALA A 448 -20.73 2.91 19.63
CA ALA A 448 -19.44 2.22 19.55
C ALA A 448 -18.89 2.01 18.17
N SER A 449 -17.60 2.24 18.01
CA SER A 449 -16.96 2.05 16.70
C SER A 449 -15.73 1.15 16.80
N GLY A 450 -15.21 0.73 15.64
CA GLY A 450 -13.97 -0.04 15.71
C GLY A 450 -14.15 -1.53 15.51
N GLY A 451 -13.05 -2.24 15.31
CA GLY A 451 -13.11 -3.66 14.94
C GLY A 451 -13.83 -4.56 15.93
N GLY A 452 -13.71 -4.22 17.23
CA GLY A 452 -14.40 -4.97 18.27
C GLY A 452 -15.90 -5.06 17.95
N THR A 453 -16.42 -4.07 17.25
CA THR A 453 -17.87 -4.04 17.07
C THR A 453 -18.36 -5.02 16.02
N LYS A 454 -17.46 -5.68 15.35
CA LYS A 454 -17.86 -6.75 14.46
C LYS A 454 -17.83 -8.11 15.16
N ASN A 455 -17.57 -8.11 16.46
CA ASN A 455 -17.44 -9.34 17.25
C ASN A 455 -18.63 -9.34 18.20
N PRO A 456 -19.59 -10.27 18.01
CA PRO A 456 -20.84 -10.17 18.78
C PRO A 456 -20.69 -10.43 20.25
N ILE A 457 -19.69 -11.20 20.62
CA ILE A 457 -19.44 -11.46 22.04
C ILE A 457 -18.83 -10.23 22.68
N PHE A 458 -17.95 -9.54 21.95
CA PHE A 458 -17.34 -8.29 22.50
C PHE A 458 -18.47 -7.27 22.75
N VAL A 459 -19.38 -7.14 21.77
CA VAL A 459 -20.46 -6.18 21.89
C VAL A 459 -21.43 -6.58 23.03
N GLN A 460 -21.90 -7.84 23.05
CA GLN A 460 -22.91 -8.19 24.05
C GLN A 460 -22.35 -8.13 25.46
N GLU A 461 -21.09 -8.51 25.64
CA GLU A 461 -20.58 -8.51 27.01
C GLU A 461 -20.23 -7.11 27.49
N HIS A 462 -19.93 -6.20 26.56
CA HIS A 462 -19.86 -4.81 26.97
C HIS A 462 -21.24 -4.30 27.45
N ALA A 463 -22.31 -4.62 26.72
CA ALA A 463 -23.62 -4.19 27.16
C ALA A 463 -23.99 -4.83 28.54
N ASN A 464 -23.64 -6.10 28.71
CA ASN A 464 -23.99 -6.83 29.95
C ASN A 464 -23.25 -6.34 31.18
N ALA A 465 -21.98 -6.06 30.99
CA ALA A 465 -21.12 -5.58 32.11
C ALA A 465 -21.50 -4.20 32.55
N THR A 466 -21.88 -3.34 31.60
CA THR A 466 -22.13 -1.93 31.90
C THR A 466 -23.59 -1.62 32.22
N GLY A 467 -24.49 -2.49 31.79
CA GLY A 467 -25.90 -2.19 31.83
C GLY A 467 -26.37 -1.20 30.79
N CYS A 468 -25.51 -0.88 29.83
CA CYS A 468 -25.84 0.15 28.83
C CYS A 468 -26.10 -0.49 27.50
N ALA A 469 -26.95 0.12 26.70
CA ALA A 469 -27.13 -0.37 25.35
C ALA A 469 -25.90 -0.06 24.47
N MSE A 470 -25.59 -0.94 23.51
CA MSE A 470 -24.51 -0.67 22.55
C MSE A 470 -25.18 -0.31 21.23
O MSE A 470 -25.93 -1.11 20.67
CB MSE A 470 -23.64 -1.90 22.29
CG MSE A 470 -22.75 -2.39 23.41
SE MSE A 470 -21.09 -1.25 23.53
CE MSE A 470 -20.02 -2.13 22.14
N LEU A 471 -24.89 0.89 20.73
CA LEU A 471 -25.38 1.30 19.41
C LEU A 471 -24.22 1.24 18.41
N LEU A 472 -24.41 0.51 17.33
CA LEU A 472 -23.36 0.37 16.33
C LEU A 472 -23.79 1.13 15.09
N PRO A 473 -22.84 1.88 14.50
CA PRO A 473 -23.17 2.70 13.33
C PRO A 473 -23.23 1.87 12.04
N GLU A 474 -23.83 2.47 11.03
CA GLU A 474 -23.88 1.84 9.73
C GLU A 474 -22.45 1.68 9.19
N GLU A 475 -21.62 2.71 9.33
CA GLU A 475 -20.20 2.64 8.93
C GLU A 475 -19.26 2.54 10.13
N SER A 476 -18.59 1.40 10.37
CA SER A 476 -17.81 1.24 11.62
C SER A 476 -16.45 1.95 11.59
N GLU A 477 -16.00 2.31 10.38
CA GLU A 477 -14.77 3.08 10.13
C GLU A 477 -15.01 4.53 10.52
N ALA A 478 -15.29 4.74 11.81
CA ALA A 478 -15.75 6.04 12.27
C ALA A 478 -14.70 7.12 12.12
N MSE A 479 -13.44 6.73 12.26
CA MSE A 479 -12.38 7.76 12.24
C MSE A 479 -12.23 8.31 10.82
O MSE A 479 -12.17 9.53 10.58
CB MSE A 479 -11.08 7.22 12.84
CG MSE A 479 -11.33 6.60 14.24
SE MSE A 479 -9.59 6.09 14.86
CE MSE A 479 -10.07 5.69 16.66
N LEU A 480 -12.15 7.39 9.86
CA LEU A 480 -12.18 7.82 8.47
C LEU A 480 -13.41 8.69 8.13
N LEU A 481 -14.58 8.27 8.59
CA LEU A 481 -15.81 9.02 8.32
C LEU A 481 -15.85 10.39 8.98
N GLY A 482 -15.46 10.48 10.25
CA GLY A 482 -15.37 11.78 10.89
C GLY A 482 -14.41 12.74 10.20
N SER A 483 -13.26 12.23 9.75
CA SER A 483 -12.30 13.09 9.03
C SER A 483 -12.89 13.60 7.71
N ALA A 484 -13.54 12.70 6.99
CA ALA A 484 -14.30 13.10 5.77
C ALA A 484 -15.37 14.15 6.03
N MSE A 485 -16.11 13.97 7.12
CA MSE A 485 -17.07 14.98 7.56
C MSE A 485 -16.40 16.34 7.78
O MSE A 485 -16.94 17.36 7.40
CB MSE A 485 -17.84 14.53 8.81
CG MSE A 485 -18.76 13.36 8.59
SE MSE A 485 -19.30 12.91 10.46
CE MSE A 485 -20.54 11.52 10.09
N MSE A 486 -15.19 16.36 8.33
CA MSE A 486 -14.53 17.64 8.55
C MSE A 486 -14.20 18.29 7.20
O MSE A 486 -14.27 19.53 7.06
CB MSE A 486 -13.23 17.46 9.34
CG MSE A 486 -13.51 17.02 10.74
SE MSE A 486 -11.86 17.20 11.82
CE MSE A 486 -10.45 16.46 10.67
N GLY A 487 -13.83 17.43 6.26
CA GLY A 487 -13.57 17.81 4.88
C GLY A 487 -14.80 18.45 4.25
N THR A 488 -16.00 17.90 4.52
CA THR A 488 -17.20 18.56 4.00
C THR A 488 -17.36 19.97 4.55
N VAL A 489 -16.99 20.19 5.82
CA VAL A 489 -17.15 21.52 6.38
C VAL A 489 -16.12 22.51 5.83
N ALA A 490 -14.87 22.05 5.65
CA ALA A 490 -13.82 22.93 5.10
C ALA A 490 -14.19 23.32 3.68
N ALA A 491 -14.85 22.41 2.99
CA ALA A 491 -15.29 22.66 1.59
C ALA A 491 -16.53 23.55 1.49
N GLY A 492 -17.14 23.84 2.63
CA GLY A 492 -18.35 24.63 2.67
C GLY A 492 -19.60 23.89 2.23
N VAL A 493 -19.55 22.56 2.22
CA VAL A 493 -20.71 21.81 1.81
C VAL A 493 -21.76 21.69 2.92
N PHE A 494 -21.31 21.52 4.17
CA PHE A 494 -22.18 21.67 5.34
C PHE A 494 -21.63 22.84 6.16
N GLU A 495 -22.52 23.56 6.86
CA GLU A 495 -22.17 24.76 7.60
C GLU A 495 -21.44 24.47 8.91
N SER A 496 -21.69 23.31 9.49
CA SER A 496 -21.07 23.06 10.80
C SER A 496 -20.92 21.57 10.93
N LEU A 497 -20.11 21.13 11.88
CA LEU A 497 -19.89 19.70 12.14
C LEU A 497 -21.19 18.99 12.51
N PRO A 498 -22.00 19.56 13.44
CA PRO A 498 -23.27 18.87 13.75
C PRO A 498 -24.22 18.55 12.59
N GLU A 499 -24.32 19.42 11.59
CA GLU A 499 -25.13 18.99 10.45
C GLU A 499 -24.45 17.96 9.51
N ALA A 500 -23.14 17.96 9.40
CA ALA A 500 -22.49 16.86 8.66
C ALA A 500 -22.71 15.51 9.38
N MSE A 501 -22.65 15.54 10.71
CA MSE A 501 -22.74 14.33 11.53
C MSE A 501 -24.11 13.74 11.36
O MSE A 501 -24.25 12.54 11.20
CB MSE A 501 -22.49 14.68 13.00
CG MSE A 501 -21.05 15.04 13.26
SE MSE A 501 -20.70 15.87 14.99
CE MSE A 501 -20.94 14.33 16.17
N ALA A 502 -25.14 14.57 11.36
CA ALA A 502 -26.48 13.98 11.22
C ALA A 502 -26.77 13.51 9.81
N ALA A 503 -26.17 14.14 8.80
CA ALA A 503 -26.38 13.71 7.42
C ALA A 503 -25.57 12.47 7.01
N MSE A 504 -24.41 12.29 7.60
CA MSE A 504 -23.47 11.30 7.10
C MSE A 504 -23.24 10.07 7.99
O MSE A 504 -22.42 9.25 7.66
CB MSE A 504 -22.14 11.94 6.75
CG MSE A 504 -22.30 13.01 5.71
SE MSE A 504 -20.69 14.01 5.34
CE MSE A 504 -19.49 12.62 4.62
N SER A 505 -23.97 9.96 9.09
CA SER A 505 -23.91 8.79 9.94
C SER A 505 -25.27 8.35 10.40
N ARG A 506 -25.45 7.07 10.60
CA ARG A 506 -26.71 6.51 10.99
C ARG A 506 -26.51 5.30 11.87
N ILE A 507 -27.53 4.91 12.62
CA ILE A 507 -27.43 3.71 13.42
C ILE A 507 -27.69 2.48 12.58
N GLY A 508 -26.91 1.42 12.76
CA GLY A 508 -27.17 0.17 12.08
C GLY A 508 -27.61 -0.99 12.96
N LYS A 509 -27.23 -0.98 14.25
CA LYS A 509 -27.61 -2.06 15.15
C LYS A 509 -27.79 -1.53 16.57
N THR A 510 -28.69 -2.15 17.34
CA THR A 510 -28.84 -1.80 18.74
C THR A 510 -28.77 -3.09 19.52
N VAL A 511 -27.80 -3.20 20.43
CA VAL A 511 -27.68 -4.43 21.23
C VAL A 511 -27.83 -4.06 22.70
N THR A 512 -28.74 -4.74 23.38
CA THR A 512 -29.12 -4.36 24.74
C THR A 512 -28.62 -5.37 25.75
N PRO A 513 -28.53 -4.94 27.01
CA PRO A 513 -28.10 -5.93 28.04
C PRO A 513 -29.11 -7.05 28.15
N GLN A 514 -28.66 -8.19 28.69
CA GLN A 514 -29.51 -9.39 28.75
C GLN A 514 -30.20 -9.55 30.14
N THR A 515 -30.11 -10.70 30.77
CA THR A 515 -30.96 -10.98 31.94
C THR A 515 -30.39 -10.48 33.26
N ASN A 516 -31.22 -10.42 34.28
CA ASN A 516 -30.70 -10.03 35.59
C ASN A 516 -29.66 -11.03 36.12
N LYS A 517 -29.81 -12.32 35.78
CA LYS A 517 -28.82 -13.32 36.22
C LYS A 517 -27.43 -13.01 35.67
N ILE A 518 -27.38 -12.64 34.40
CA ILE A 518 -26.11 -12.25 33.80
C ILE A 518 -25.63 -10.94 34.39
N LYS A 519 -26.53 -9.98 34.55
CA LYS A 519 -26.11 -8.70 35.17
C LYS A 519 -25.51 -8.88 36.55
N ALA A 520 -26.16 -9.71 37.39
CA ALA A 520 -25.64 -9.99 38.72
C ALA A 520 -24.29 -10.68 38.68
N TYR A 521 -24.08 -11.57 37.73
CA TYR A 521 -22.78 -12.17 37.56
C TYR A 521 -21.72 -11.07 37.34
N TYR A 522 -21.99 -10.14 36.44
CA TYR A 522 -21.02 -9.06 36.19
C TYR A 522 -20.82 -8.16 37.42
N ASP A 523 -21.87 -7.98 38.23
CA ASP A 523 -21.72 -7.24 39.47
C ASP A 523 -20.65 -7.92 40.35
N ARG A 524 -20.71 -9.24 40.44
CA ARG A 524 -19.73 -9.97 41.23
C ARG A 524 -18.32 -9.90 40.60
N LYS A 525 -18.23 -10.15 39.31
CA LYS A 525 -16.96 -9.93 38.58
C LYS A 525 -16.41 -8.54 38.79
N TYR A 526 -17.29 -7.54 38.86
CA TYR A 526 -16.82 -6.17 39.09
C TYR A 526 -16.23 -5.95 40.49
N ARG A 527 -16.79 -6.61 41.48
CA ARG A 527 -16.21 -6.60 42.84
C ARG A 527 -14.80 -7.18 42.81
N VAL A 528 -14.61 -8.26 42.06
CA VAL A 528 -13.29 -8.89 41.94
C VAL A 528 -12.32 -7.96 41.18
N PHE A 529 -12.83 -7.35 40.13
CA PHE A 529 -12.06 -6.37 39.33
C PHE A 529 -11.52 -5.23 40.20
N HIS A 530 -12.37 -4.57 40.99
CA HIS A 530 -11.87 -3.62 41.96
C HIS A 530 -10.91 -4.20 43.02
N GLN A 531 -11.23 -5.37 43.56
CA GLN A 531 -10.39 -5.97 44.57
C GLN A 531 -8.96 -6.23 44.00
N MSE A 532 -8.86 -6.62 42.72
CA MSE A 532 -7.55 -6.91 42.13
C MSE A 532 -6.63 -5.72 42.13
O MSE A 532 -5.42 -5.82 42.36
CB MSE A 532 -7.71 -7.51 40.73
CG MSE A 532 -8.14 -8.90 40.82
SE MSE A 532 -8.10 -9.69 38.99
CE MSE A 532 -9.55 -8.85 38.30
N TYR A 533 -7.24 -4.52 41.96
CA TYR A 533 -6.47 -3.30 42.03
C TYR A 533 -5.92 -3.06 43.44
N HIS A 534 -6.80 -3.22 44.43
CA HIS A 534 -6.29 -3.06 45.82
C HIS A 534 -5.26 -4.10 46.16
N ASP A 535 -5.45 -5.31 45.64
CA ASP A 535 -4.46 -6.35 45.87
C ASP A 535 -3.10 -5.99 45.26
N HIS A 536 -3.12 -5.42 44.06
CA HIS A 536 -1.92 -5.04 43.39
C HIS A 536 -1.19 -3.98 44.20
N MSE A 537 -1.94 -3.00 44.73
CA MSE A 537 -1.29 -1.97 45.54
C MSE A 537 -0.72 -2.52 46.85
O MSE A 537 0.33 -2.06 47.35
CB MSE A 537 -2.29 -0.86 45.86
CG MSE A 537 -2.75 -0.07 44.63
SE MSE A 537 -1.35 0.74 43.58
CE MSE A 537 -0.90 2.20 44.84
N ARG A 538 -1.39 -3.52 47.39
CA ARG A 538 -0.88 -4.17 48.60
C ARG A 538 0.40 -4.96 48.33
N TYR A 539 0.50 -5.62 47.16
CA TYR A 539 1.78 -6.27 46.86
C TYR A 539 2.90 -5.21 46.83
N GLN A 540 2.63 -4.06 46.20
CA GLN A 540 3.60 -3.00 46.11
C GLN A 540 4.01 -2.54 47.52
N ALA A 541 3.02 -2.41 48.39
CA ALA A 541 3.29 -2.00 49.79
C ALA A 541 4.19 -3.02 50.48
N LEU A 542 3.84 -4.30 50.31
CA LEU A 542 4.61 -5.35 50.96
C LEU A 542 6.03 -5.33 50.47
N MSE A 543 6.25 -5.01 49.19
CA MSE A 543 7.60 -5.05 48.66
C MSE A 543 8.48 -3.86 49.06
O MSE A 543 9.68 -3.89 48.85
CB MSE A 543 7.60 -5.15 47.15
CG MSE A 543 7.05 -6.48 46.59
SE MSE A 543 7.97 -8.00 47.36
CE MSE A 543 9.77 -7.51 46.83
N GLN A 544 7.86 -2.81 49.57
CA GLN A 544 8.65 -1.64 50.03
C GLN A 544 9.47 -2.01 51.22
N LEU B 3 -19.16 -22.18 -3.21
CA LEU B 3 -18.47 -23.13 -4.07
C LEU B 3 -17.95 -22.48 -5.37
N ALA B 4 -17.99 -21.15 -5.45
CA ALA B 4 -17.35 -20.43 -6.57
C ALA B 4 -15.85 -20.21 -6.31
N SER B 5 -15.05 -20.50 -7.34
CA SER B 5 -13.59 -20.50 -7.23
C SER B 5 -12.95 -19.22 -7.74
N TYR B 6 -11.88 -18.78 -7.07
CA TYR B 6 -11.10 -17.61 -7.46
C TYR B 6 -9.61 -17.95 -7.57
N PHE B 7 -8.86 -17.16 -8.32
CA PHE B 7 -7.45 -17.44 -8.56
C PHE B 7 -6.71 -16.12 -8.44
N ILE B 8 -5.50 -16.16 -7.88
CA ILE B 8 -4.78 -14.93 -7.64
C ILE B 8 -3.57 -14.86 -8.53
N GLY B 9 -3.32 -13.67 -9.06
CA GLY B 9 -2.08 -13.40 -9.76
C GLY B 9 -1.34 -12.38 -8.93
N VAL B 10 -0.03 -12.55 -8.80
CA VAL B 10 0.82 -11.61 -8.13
C VAL B 10 1.84 -11.10 -9.12
N ASP B 11 2.06 -9.77 -9.17
CA ASP B 11 3.01 -9.17 -10.11
C ASP B 11 3.95 -8.27 -9.33
N VAL B 12 5.22 -8.63 -9.28
CA VAL B 12 6.16 -7.77 -8.54
C VAL B 12 6.90 -6.96 -9.60
N GLY B 13 6.55 -5.66 -9.65
CA GLY B 13 7.11 -4.71 -10.58
C GLY B 13 8.33 -4.09 -9.98
N THR B 14 8.84 -3.05 -10.64
CA THR B 14 10.00 -2.36 -10.17
C THR B 14 9.68 -1.59 -8.89
N GLY B 15 8.50 -0.96 -8.88
CA GLY B 15 8.13 -0.10 -7.78
C GLY B 15 7.17 -0.70 -6.77
N SER B 16 6.41 -1.70 -7.15
CA SER B 16 5.41 -2.26 -6.25
C SER B 16 5.15 -3.73 -6.45
N ALA B 17 4.61 -4.35 -5.45
CA ALA B 17 4.05 -5.65 -5.54
C ALA B 17 2.56 -5.52 -5.58
N ARG B 18 1.96 -6.17 -6.55
CA ARG B 18 0.55 -6.11 -6.78
C ARG B 18 -0.09 -7.47 -6.82
N ALA B 19 -1.32 -7.53 -6.33
CA ALA B 19 -2.08 -8.75 -6.37
C ALA B 19 -3.47 -8.51 -6.89
N GLY B 20 -3.95 -9.47 -7.64
CA GLY B 20 -5.31 -9.40 -8.17
C GLY B 20 -6.03 -10.71 -7.95
N VAL B 21 -7.33 -10.65 -7.63
CA VAL B 21 -8.13 -11.85 -7.45
C VAL B 21 -9.13 -11.92 -8.58
N PHE B 22 -9.19 -13.07 -9.25
CA PHE B 22 -9.99 -13.24 -10.46
C PHE B 22 -10.99 -14.35 -10.34
N ASP B 23 -12.17 -14.14 -10.91
CA ASP B 23 -13.05 -15.29 -11.05
C ASP B 23 -12.66 -16.17 -12.22
N LEU B 24 -13.46 -17.22 -12.42
CA LEU B 24 -13.21 -18.25 -13.41
C LEU B 24 -13.36 -17.77 -14.85
N GLN B 25 -13.98 -16.61 -15.06
CA GLN B 25 -14.00 -16.04 -16.41
C GLN B 25 -13.01 -14.91 -16.60
N GLY B 26 -12.13 -14.72 -15.61
CA GLY B 26 -11.05 -13.76 -15.73
C GLY B 26 -11.43 -12.34 -15.34
N ARG B 27 -12.56 -12.16 -14.66
CA ARG B 27 -12.93 -10.82 -14.22
C ARG B 27 -12.31 -10.57 -12.86
N MSE B 28 -11.67 -9.42 -12.71
CA MSE B 28 -11.00 -9.07 -11.48
C MSE B 28 -12.03 -8.61 -10.46
O MSE B 28 -12.82 -7.68 -10.72
CB MSE B 28 -9.98 -7.97 -11.67
CG MSE B 28 -9.08 -7.74 -10.42
SE MSE B 28 -7.52 -6.70 -11.04
CE MSE B 28 -6.12 -7.04 -9.76
N VAL B 29 -12.02 -9.26 -9.31
CA VAL B 29 -12.94 -8.88 -8.24
C VAL B 29 -12.23 -8.22 -7.02
N GLY B 30 -10.91 -8.24 -7.02
CA GLY B 30 -10.17 -7.63 -5.92
C GLY B 30 -8.77 -7.28 -6.37
N GLN B 31 -8.23 -6.16 -5.90
CA GLN B 31 -6.83 -5.79 -6.19
C GLN B 31 -6.23 -4.95 -5.08
N ALA B 32 -4.91 -5.07 -4.85
CA ALA B 32 -4.19 -4.25 -3.85
C ALA B 32 -2.71 -4.19 -4.24
N SER B 33 -1.96 -3.26 -3.61
CA SER B 33 -0.62 -2.89 -4.02
C SER B 33 0.15 -2.55 -2.76
N ARG B 34 1.45 -2.83 -2.78
CA ARG B 34 2.38 -2.31 -1.75
C ARG B 34 3.69 -1.90 -2.40
N GLU B 35 4.17 -0.69 -2.11
CA GLU B 35 5.44 -0.25 -2.68
C GLU B 35 6.57 -1.08 -2.11
N ILE B 36 7.62 -1.28 -2.91
CA ILE B 36 8.79 -2.01 -2.41
C ILE B 36 9.96 -1.08 -2.49
N THR B 37 10.89 -1.24 -1.57
CA THR B 37 11.95 -0.26 -1.35
C THR B 37 13.07 -0.46 -2.31
N MSE B 38 13.56 0.65 -2.85
CA MSE B 38 14.71 0.64 -3.76
C MSE B 38 15.91 1.30 -3.11
O MSE B 38 15.76 2.32 -2.43
CB MSE B 38 14.38 1.37 -5.05
CG MSE B 38 15.52 1.30 -6.05
SE MSE B 38 14.94 2.15 -7.71
CE MSE B 38 13.80 0.70 -8.34
N PHE B 39 17.09 0.71 -3.29
CA PHE B 39 18.32 1.28 -2.77
C PHE B 39 19.23 1.58 -3.94
N LYS B 40 19.89 2.75 -3.95
CA LYS B 40 20.80 3.13 -5.05
C LYS B 40 22.09 3.64 -4.42
N PRO B 41 22.94 2.69 -4.03
CA PRO B 41 24.11 3.12 -3.23
C PRO B 41 25.11 4.02 -4.02
N LYS B 42 25.14 3.88 -5.35
CA LYS B 42 25.98 4.67 -6.25
C LYS B 42 25.49 4.44 -7.66
N ALA B 43 26.05 5.20 -8.61
CA ALA B 43 25.56 5.16 -9.99
C ALA B 43 25.61 3.71 -10.54
N ASP B 44 24.57 3.33 -11.28
CA ASP B 44 24.50 2.05 -11.97
C ASP B 44 24.17 0.94 -10.99
N PHE B 45 24.18 1.23 -9.68
CA PHE B 45 23.81 0.19 -8.68
C PHE B 45 22.36 0.34 -8.22
N VAL B 46 21.53 -0.70 -8.39
CA VAL B 46 20.12 -0.62 -8.01
C VAL B 46 19.74 -1.93 -7.33
N GLU B 47 19.27 -1.85 -6.09
CA GLU B 47 19.17 -3.04 -5.23
C GLU B 47 17.81 -3.03 -4.53
N GLN B 48 17.34 -4.24 -4.20
CA GLN B 48 16.11 -4.39 -3.41
C GLN B 48 16.32 -5.42 -2.36
N SER B 49 15.27 -5.65 -1.59
CA SER B 49 15.38 -6.59 -0.46
C SER B 49 14.35 -7.69 -0.65
N SER B 50 14.76 -8.97 -0.65
CA SER B 50 13.77 -10.01 -0.93
C SER B 50 12.77 -10.11 0.22
N GLU B 51 13.24 -9.86 1.43
CA GLU B 51 12.30 -9.94 2.55
C GLU B 51 11.25 -8.80 2.48
N ASN B 52 11.68 -7.60 2.10
CA ASN B 52 10.77 -6.46 1.91
C ASN B 52 9.77 -6.81 0.80
N ILE B 53 10.26 -7.41 -0.28
CA ILE B 53 9.33 -7.77 -1.36
C ILE B 53 8.32 -8.82 -0.92
N TRP B 54 8.76 -9.81 -0.16
CA TRP B 54 7.84 -10.87 0.22
C TRP B 54 6.75 -10.32 1.16
N GLN B 55 7.18 -9.45 2.09
CA GLN B 55 6.20 -8.78 2.98
C GLN B 55 5.17 -7.97 2.16
N ALA B 56 5.66 -7.26 1.14
CA ALA B 56 4.80 -6.50 0.24
C ALA B 56 3.80 -7.41 -0.47
N VAL B 57 4.28 -8.52 -1.05
CA VAL B 57 3.41 -9.50 -1.65
C VAL B 57 2.35 -10.03 -0.67
N CYS B 58 2.74 -10.39 0.54
CA CYS B 58 1.76 -10.96 1.50
C CYS B 58 0.70 -9.92 1.89
N ASN B 59 1.10 -8.68 2.12
CA ASN B 59 0.15 -7.63 2.47
C ASN B 59 -0.79 -7.36 1.29
N ALA B 60 -0.22 -7.31 0.08
CA ALA B 60 -1.04 -7.04 -1.10
C ALA B 60 -2.07 -8.16 -1.30
N VAL B 61 -1.63 -9.42 -1.14
CA VAL B 61 -2.53 -10.54 -1.29
C VAL B 61 -3.61 -10.49 -0.22
N ARG B 62 -3.24 -10.20 1.03
CA ARG B 62 -4.28 -10.15 2.07
C ARG B 62 -5.30 -9.04 1.76
N ASP B 63 -4.84 -7.87 1.31
CA ASP B 63 -5.77 -6.78 1.04
C ASP B 63 -6.64 -7.07 -0.18
N ALA B 64 -6.09 -7.74 -1.19
CA ALA B 64 -6.89 -8.02 -2.35
C ALA B 64 -7.99 -9.04 -2.04
N VAL B 65 -7.68 -10.05 -1.21
CA VAL B 65 -8.66 -11.08 -0.89
C VAL B 65 -9.76 -10.41 -0.06
N ASN B 66 -9.37 -9.56 0.87
CA ASN B 66 -10.36 -8.84 1.66
C ASN B 66 -11.24 -7.94 0.79
N GLN B 67 -10.64 -7.21 -0.14
CA GLN B 67 -11.40 -6.39 -1.04
C GLN B 67 -12.39 -7.23 -1.89
N ALA B 68 -11.96 -8.43 -2.30
CA ALA B 68 -12.78 -9.34 -3.11
C ALA B 68 -13.96 -9.86 -2.29
N ASP B 69 -13.81 -9.77 -0.99
CA ASP B 69 -14.79 -10.30 -0.05
C ASP B 69 -15.11 -11.79 -0.30
N ILE B 70 -14.08 -12.62 -0.43
CA ILE B 70 -14.24 -14.06 -0.57
C ILE B 70 -13.55 -14.81 0.58
N ASN B 71 -13.89 -16.09 0.75
CA ASN B 71 -13.23 -16.99 1.72
C ASN B 71 -11.94 -17.56 1.11
N PRO B 72 -10.93 -17.80 1.96
CA PRO B 72 -9.66 -18.37 1.49
C PRO B 72 -9.80 -19.75 0.88
N ILE B 73 -10.81 -20.53 1.27
CA ILE B 73 -10.97 -21.88 0.72
C ILE B 73 -11.40 -21.77 -0.76
N GLN B 74 -12.02 -20.65 -1.09
CA GLN B 74 -12.42 -20.35 -2.46
C GLN B 74 -11.21 -20.10 -3.41
N VAL B 75 -10.08 -19.65 -2.88
CA VAL B 75 -8.90 -19.38 -3.70
C VAL B 75 -8.23 -20.69 -4.02
N LYS B 76 -8.18 -21.04 -5.30
CA LYS B 76 -7.77 -22.36 -5.68
C LYS B 76 -6.42 -22.42 -6.41
N GLY B 77 -5.83 -21.27 -6.72
CA GLY B 77 -4.58 -21.31 -7.45
C GLY B 77 -3.94 -19.95 -7.36
N LEU B 78 -2.61 -19.93 -7.39
CA LEU B 78 -1.82 -18.69 -7.40
C LEU B 78 -0.79 -18.77 -8.53
N GLY B 79 -0.54 -17.64 -9.21
CA GLY B 79 0.58 -17.52 -10.13
C GLY B 79 1.36 -16.24 -9.77
N PHE B 80 2.67 -16.28 -9.97
CA PHE B 80 3.56 -15.19 -9.62
C PHE B 80 4.35 -14.77 -10.83
N ASP B 81 4.41 -13.46 -11.06
CA ASP B 81 5.36 -12.95 -12.06
C ASP B 81 6.15 -11.83 -11.41
N ALA B 82 7.34 -11.54 -11.96
CA ALA B 82 8.13 -10.44 -11.44
C ALA B 82 9.10 -9.93 -12.49
N THR B 83 9.78 -8.83 -12.17
CA THR B 83 10.86 -8.36 -13.01
C THR B 83 11.98 -9.43 -12.95
N CYS B 84 12.86 -9.45 -13.97
CA CYS B 84 13.91 -10.43 -14.02
C CYS B 84 15.08 -9.88 -13.23
N SER B 85 14.84 -9.75 -11.94
CA SER B 85 15.89 -9.28 -11.02
C SER B 85 16.58 -10.53 -10.40
N LEU B 86 17.72 -10.33 -9.74
CA LEU B 86 18.53 -11.43 -9.18
C LEU B 86 18.46 -11.43 -7.63
N VAL B 87 17.98 -12.53 -7.05
CA VAL B 87 17.84 -12.70 -5.59
C VAL B 87 18.94 -13.65 -5.11
N VAL B 88 19.72 -13.19 -4.14
CA VAL B 88 20.81 -14.04 -3.60
C VAL B 88 20.50 -14.46 -2.15
N LEU B 89 20.61 -15.77 -1.89
CA LEU B 89 20.36 -16.30 -0.55
C LEU B 89 21.52 -17.19 -0.14
N ASP B 90 21.75 -17.29 1.18
CA ASP B 90 22.81 -18.13 1.66
C ASP B 90 22.36 -19.59 1.75
N LYS B 91 23.23 -20.41 2.33
CA LYS B 91 22.96 -21.83 2.38
C LYS B 91 21.75 -22.23 3.23
N GLU B 92 21.36 -21.33 4.13
CA GLU B 92 20.17 -21.53 4.95
C GLU B 92 18.93 -20.90 4.33
N GLY B 93 19.03 -20.36 3.12
CA GLY B 93 17.89 -19.71 2.52
C GLY B 93 17.64 -18.27 2.96
N ASN B 94 18.60 -17.64 3.62
CA ASN B 94 18.41 -16.28 4.14
C ASN B 94 19.12 -15.28 3.24
N PRO B 95 18.60 -14.07 3.20
CA PRO B 95 19.19 -13.03 2.36
C PRO B 95 20.70 -12.85 2.59
N LEU B 96 21.44 -12.74 1.48
CA LEU B 96 22.88 -12.58 1.55
C LEU B 96 23.28 -11.35 0.70
N THR B 97 24.08 -10.44 1.26
CA THR B 97 24.22 -9.14 0.61
C THR B 97 24.83 -9.22 -0.81
N VAL B 98 24.34 -8.36 -1.69
CA VAL B 98 25.00 -8.15 -2.99
C VAL B 98 25.59 -6.73 -3.03
N SER B 99 25.66 -6.05 -1.88
CA SER B 99 25.64 -4.58 -1.87
C SER B 99 26.94 -3.99 -1.30
N PRO B 100 27.41 -2.85 -1.82
CA PRO B 100 28.50 -2.10 -1.15
C PRO B 100 28.15 -1.67 0.27
N SER B 101 26.87 -1.58 0.60
CA SER B 101 26.43 -1.29 1.95
C SER B 101 26.69 -2.42 2.95
N GLY B 102 26.96 -3.62 2.45
CA GLY B 102 27.14 -4.82 3.28
C GLY B 102 25.91 -5.38 3.96
N ARG B 103 24.76 -4.72 3.83
CA ARG B 103 23.55 -5.17 4.48
C ARG B 103 23.01 -6.41 3.78
N ASN B 104 22.86 -7.48 4.54
CA ASN B 104 22.21 -8.66 4.00
C ASN B 104 20.78 -8.43 3.52
N GLU B 105 20.13 -7.39 4.05
CA GLU B 105 18.80 -6.99 3.58
C GLU B 105 18.81 -6.62 2.08
N GLN B 106 19.94 -6.08 1.62
CA GLN B 106 20.15 -5.66 0.23
C GLN B 106 20.74 -6.82 -0.54
N ASN B 107 19.87 -7.77 -0.92
CA ASN B 107 20.29 -9.04 -1.53
C ASN B 107 19.69 -9.24 -2.89
N VAL B 108 19.11 -8.20 -3.48
CA VAL B 108 18.51 -8.31 -4.82
C VAL B 108 19.18 -7.28 -5.77
N ILE B 109 19.77 -7.75 -6.86
CA ILE B 109 20.28 -6.85 -7.89
C ILE B 109 19.11 -6.65 -8.85
N VAL B 110 18.60 -5.43 -8.93
CA VAL B 110 17.40 -5.18 -9.72
C VAL B 110 17.73 -5.34 -11.21
N TRP B 111 16.74 -5.75 -12.00
CA TRP B 111 16.95 -5.93 -13.43
C TRP B 111 17.68 -4.75 -14.07
N MSE B 112 17.32 -3.53 -13.67
CA MSE B 112 17.86 -2.33 -14.33
C MSE B 112 19.25 -1.89 -13.84
O MSE B 112 19.79 -0.88 -14.34
CB MSE B 112 16.92 -1.14 -14.12
CG MSE B 112 16.90 -0.76 -12.63
SE MSE B 112 15.36 0.38 -12.29
CE MSE B 112 15.48 1.54 -13.89
N ASP B 113 19.85 -2.65 -12.92
CA ASP B 113 21.18 -2.36 -12.41
C ASP B 113 22.16 -2.64 -13.54
N HIS B 114 23.18 -1.79 -13.66
CA HIS B 114 24.15 -1.93 -14.72
C HIS B 114 25.59 -2.05 -14.19
N ARG B 115 25.78 -2.68 -13.01
CA ARG B 115 27.13 -2.75 -12.48
C ARG B 115 28.04 -3.62 -13.32
N ALA B 116 27.44 -4.57 -14.07
CA ALA B 116 28.18 -5.65 -14.70
C ALA B 116 28.49 -5.42 -16.19
N ILE B 117 28.53 -4.14 -16.59
CA ILE B 117 28.92 -3.78 -17.97
C ILE B 117 30.22 -4.42 -18.42
N THR B 118 31.25 -4.32 -17.59
CA THR B 118 32.53 -4.97 -17.88
C THR B 118 32.47 -6.50 -18.08
N GLN B 119 31.66 -7.14 -17.26
CA GLN B 119 31.50 -8.59 -17.32
C GLN B 119 30.76 -8.99 -18.59
N ALA B 120 29.84 -8.12 -19.04
CA ALA B 120 29.05 -8.43 -20.23
C ALA B 120 29.99 -8.36 -21.44
N GLU B 121 30.90 -7.40 -21.40
CA GLU B 121 31.84 -7.21 -22.50
C GLU B 121 32.79 -8.43 -22.58
N ARG B 122 33.27 -8.87 -21.43
CA ARG B 122 34.08 -10.11 -21.37
C ARG B 122 33.33 -11.34 -21.92
N ILE B 123 32.06 -11.48 -21.53
CA ILE B 123 31.24 -12.62 -22.01
C ILE B 123 31.09 -12.52 -23.52
N ASN B 124 30.79 -11.33 -24.01
CA ASN B 124 30.54 -11.16 -25.44
C ASN B 124 31.75 -11.47 -26.31
N ALA B 125 32.93 -11.15 -25.79
CA ALA B 125 34.19 -11.42 -26.50
C ALA B 125 34.40 -12.90 -26.74
N THR B 126 33.80 -13.77 -25.93
CA THR B 126 33.96 -15.21 -26.11
C THR B 126 33.21 -15.73 -27.34
N LYS B 127 32.21 -14.98 -27.78
CA LYS B 127 31.37 -15.36 -28.92
C LYS B 127 30.74 -16.73 -28.76
N HIS B 128 30.42 -17.11 -27.52
CA HIS B 128 29.92 -18.45 -27.28
C HIS B 128 28.56 -18.66 -28.01
N PRO B 129 28.29 -19.88 -28.51
CA PRO B 129 27.02 -20.19 -29.18
C PRO B 129 25.75 -19.77 -28.43
N VAL B 130 25.72 -19.82 -27.09
CA VAL B 130 24.45 -19.50 -26.43
C VAL B 130 24.11 -18.04 -26.60
N LEU B 131 25.11 -17.20 -26.89
CA LEU B 131 24.83 -15.80 -27.17
C LEU B 131 24.02 -15.56 -28.44
N GLU B 132 23.96 -16.56 -29.32
CA GLU B 132 23.20 -16.35 -30.55
C GLU B 132 21.71 -16.11 -30.31
N PHE B 133 21.25 -16.40 -29.08
CA PHE B 133 19.84 -16.23 -28.72
C PHE B 133 19.54 -14.85 -28.15
N VAL B 134 20.61 -14.10 -27.90
CA VAL B 134 20.50 -12.68 -27.51
C VAL B 134 21.22 -11.79 -28.52
N GLY B 135 21.06 -12.11 -29.79
CA GLY B 135 21.60 -11.25 -30.83
C GLY B 135 23.12 -11.17 -30.76
N GLY B 136 23.76 -12.13 -30.09
CA GLY B 136 25.21 -12.16 -29.98
C GLY B 136 25.82 -11.15 -29.01
N VAL B 137 24.97 -10.34 -28.38
CA VAL B 137 25.43 -9.32 -27.47
C VAL B 137 24.66 -9.43 -26.16
N ILE B 138 25.25 -10.08 -25.15
CA ILE B 138 24.59 -10.16 -23.86
C ILE B 138 24.49 -8.75 -23.26
N SER B 139 23.37 -8.49 -22.59
CA SER B 139 23.16 -7.24 -21.85
C SER B 139 23.67 -7.34 -20.39
N PRO B 140 24.18 -6.22 -19.84
CA PRO B 140 24.60 -6.14 -18.44
C PRO B 140 23.43 -6.39 -17.51
N GLU B 141 22.19 -6.22 -18.02
CA GLU B 141 21.02 -6.51 -17.19
C GLU B 141 20.78 -7.99 -16.99
N MSE B 142 21.24 -8.80 -17.92
CA MSE B 142 20.96 -10.23 -17.82
C MSE B 142 21.75 -10.85 -16.68
O MSE B 142 22.64 -10.20 -16.13
CB MSE B 142 21.27 -10.90 -19.15
CG MSE B 142 20.14 -10.59 -20.15
SE MSE B 142 20.69 -10.97 -21.96
CE MSE B 142 18.89 -10.84 -22.83
N GLN B 143 21.45 -12.09 -16.31
CA GLN B 143 21.96 -12.57 -15.02
C GLN B 143 23.41 -13.06 -14.99
N THR B 144 23.88 -13.70 -16.06
CA THR B 144 25.21 -14.29 -16.00
C THR B 144 26.31 -13.20 -15.85
N PRO B 145 26.13 -12.02 -16.48
CA PRO B 145 27.14 -10.98 -16.21
C PRO B 145 27.10 -10.61 -14.74
N LYS B 146 25.90 -10.54 -14.18
CA LYS B 146 25.78 -10.15 -12.78
C LYS B 146 26.40 -11.17 -11.85
N LEU B 147 26.23 -12.45 -12.18
CA LEU B 147 26.85 -13.53 -11.39
C LEU B 147 28.38 -13.43 -11.45
N LEU B 148 28.91 -13.21 -12.64
CA LEU B 148 30.36 -13.05 -12.79
C LEU B 148 30.87 -11.83 -11.97
N TRP B 149 30.14 -10.72 -12.04
CA TRP B 149 30.44 -9.56 -11.18
C TRP B 149 30.46 -9.94 -9.70
N LEU B 150 29.47 -10.69 -9.25
CA LEU B 150 29.43 -11.02 -7.82
C LEU B 150 30.60 -11.97 -7.46
N LYS B 151 30.91 -12.92 -8.33
CA LYS B 151 31.97 -13.87 -8.03
C LYS B 151 33.29 -13.12 -7.90
N GLN B 152 33.48 -12.11 -8.76
CA GLN B 152 34.67 -11.28 -8.74
C GLN B 152 34.75 -10.30 -7.58
N HIS B 153 33.66 -9.60 -7.31
CA HIS B 153 33.73 -8.48 -6.38
C HIS B 153 33.17 -8.70 -4.99
N MSE B 154 32.41 -9.76 -4.79
CA MSE B 154 31.89 -10.05 -3.48
C MSE B 154 32.20 -11.54 -3.15
O MSE B 154 31.32 -12.36 -2.99
CB MSE B 154 30.38 -9.81 -3.44
CG MSE B 154 29.87 -8.41 -3.74
SE MSE B 154 30.29 -7.29 -2.25
CE MSE B 154 29.12 -7.91 -0.83
N PRO B 155 33.50 -11.86 -3.00
CA PRO B 155 33.89 -13.26 -2.80
C PRO B 155 33.32 -13.87 -1.55
N ASN B 156 33.13 -13.10 -0.48
CA ASN B 156 32.57 -13.75 0.68
C ASN B 156 31.13 -14.16 0.45
N THR B 157 30.36 -13.27 -0.18
CA THR B 157 29.03 -13.61 -0.60
C THR B 157 29.10 -14.85 -1.50
N TRP B 158 29.95 -14.82 -2.51
CA TRP B 158 30.07 -15.98 -3.42
C TRP B 158 30.33 -17.32 -2.69
N SER B 159 31.21 -17.32 -1.68
CA SER B 159 31.46 -18.56 -0.91
C SER B 159 30.27 -19.07 -0.11
N ASN B 160 29.38 -18.16 0.26
CA ASN B 160 28.26 -18.47 1.12
C ASN B 160 26.90 -18.61 0.42
N VAL B 161 26.92 -18.51 -0.90
CA VAL B 161 25.70 -18.66 -1.72
C VAL B 161 25.07 -20.04 -1.55
N GLY B 162 23.76 -20.08 -1.28
CA GLY B 162 23.00 -21.31 -1.41
C GLY B 162 22.09 -21.32 -2.62
N HIS B 163 21.56 -20.14 -2.99
CA HIS B 163 20.57 -20.09 -4.06
C HIS B 163 20.75 -18.78 -4.82
N LEU B 164 20.67 -18.87 -6.14
CA LEU B 164 20.73 -17.70 -7.00
C LEU B 164 19.43 -17.77 -7.81
N PHE B 165 18.46 -16.92 -7.45
CA PHE B 165 17.13 -17.04 -8.04
C PHE B 165 16.83 -15.85 -8.95
N ASP B 166 16.22 -16.09 -10.11
CA ASP B 166 15.56 -14.96 -10.78
C ASP B 166 14.37 -14.60 -9.86
N LEU B 167 14.04 -13.31 -9.75
CA LEU B 167 12.96 -12.91 -8.81
C LEU B 167 11.64 -13.75 -8.88
N PRO B 168 11.09 -14.00 -10.08
CA PRO B 168 9.85 -14.79 -10.15
C PRO B 168 10.01 -16.16 -9.44
N ASP B 169 11.15 -16.83 -9.69
CA ASP B 169 11.49 -18.12 -9.07
C ASP B 169 11.67 -17.97 -7.53
N PHE B 170 12.22 -16.84 -7.06
CA PHE B 170 12.31 -16.66 -5.63
C PHE B 170 10.95 -16.69 -5.09
N LEU B 171 10.01 -15.99 -5.76
CA LEU B 171 8.66 -15.95 -5.21
C LEU B 171 8.00 -17.29 -5.07
N THR B 172 8.11 -18.15 -6.10
CA THR B 172 7.45 -19.45 -6.03
C THR B 172 8.13 -20.35 -5.02
N TRP B 173 9.46 -20.25 -4.91
CA TRP B 173 10.23 -20.99 -3.87
C TRP B 173 9.84 -20.54 -2.47
N ARG B 174 9.76 -19.23 -2.29
CA ARG B 174 9.31 -18.69 -0.98
C ARG B 174 7.88 -19.14 -0.61
N ALA B 175 7.03 -19.34 -1.62
CA ALA B 175 5.65 -19.78 -1.44
C ALA B 175 5.47 -21.29 -1.21
N THR B 176 6.40 -22.11 -1.72
CA THR B 176 6.23 -23.58 -1.79
C THR B 176 7.39 -24.42 -1.23
N LYS B 177 8.55 -23.82 -0.94
CA LYS B 177 9.80 -24.56 -0.68
C LYS B 177 10.38 -25.33 -1.86
N ASP B 178 9.72 -25.29 -3.02
CA ASP B 178 10.16 -26.03 -4.20
C ASP B 178 11.17 -25.20 -4.97
N GLU B 179 12.39 -25.72 -5.12
CA GLU B 179 13.48 -25.03 -5.82
C GLU B 179 13.43 -25.07 -7.36
N THR B 180 12.38 -25.67 -7.93
CA THR B 180 12.28 -25.84 -9.36
C THR B 180 12.24 -24.45 -9.96
N ARG B 181 12.89 -24.28 -11.12
CA ARG B 181 12.96 -22.99 -11.78
C ARG B 181 12.04 -23.03 -13.00
N SER B 182 11.65 -21.85 -13.47
CA SER B 182 10.82 -21.71 -14.67
C SER B 182 11.67 -21.70 -15.98
N LEU B 183 11.11 -22.30 -17.02
CA LEU B 183 11.71 -22.20 -18.31
C LEU B 183 11.77 -20.74 -18.78
N CYS B 184 10.86 -19.88 -18.32
CA CYS B 184 10.90 -18.50 -18.80
C CYS B 184 12.16 -17.78 -18.34
N SER B 185 12.30 -17.61 -17.03
CA SER B 185 13.50 -16.94 -16.51
C SER B 185 14.78 -17.61 -17.04
N THR B 186 14.86 -18.92 -16.93
CA THR B 186 16.13 -19.55 -17.20
C THR B 186 16.54 -19.46 -18.68
N VAL B 187 15.59 -19.68 -19.59
CA VAL B 187 15.89 -19.67 -21.03
C VAL B 187 16.14 -18.23 -21.50
N CYS B 188 15.37 -17.27 -20.98
CA CYS B 188 15.42 -15.91 -21.52
C CYS B 188 16.60 -15.17 -20.95
N LYS B 189 16.91 -15.44 -19.67
CA LYS B 189 17.85 -14.59 -18.96
C LYS B 189 19.10 -15.23 -18.39
N TRP B 190 19.17 -16.56 -18.41
CA TRP B 190 20.26 -17.27 -17.79
C TRP B 190 21.02 -18.18 -18.77
N THR B 191 20.59 -18.18 -20.05
CA THR B 191 21.15 -19.04 -21.14
C THR B 191 20.73 -20.52 -21.15
N TYR B 192 19.79 -20.93 -20.31
CA TYR B 192 19.30 -22.33 -20.34
C TYR B 192 18.84 -22.67 -21.76
N LEU B 193 19.24 -23.84 -22.27
CA LEU B 193 18.78 -24.26 -23.59
C LEU B 193 17.42 -24.96 -23.47
N GLY B 194 16.31 -24.25 -23.69
CA GLY B 194 15.04 -24.90 -23.52
C GLY B 194 14.83 -26.10 -24.45
N HIS B 195 15.46 -26.07 -25.62
CA HIS B 195 15.26 -27.10 -26.65
C HIS B 195 16.13 -28.35 -26.41
N GLU B 196 17.08 -28.24 -25.49
CA GLU B 196 17.98 -29.34 -25.15
C GLU B 196 17.80 -29.67 -23.68
N ASP B 197 16.93 -28.90 -23.03
CA ASP B 197 16.61 -29.08 -21.62
C ASP B 197 17.87 -29.19 -20.73
N ARG B 198 18.75 -28.20 -20.83
CA ARG B 198 19.97 -28.23 -20.05
C ARG B 198 20.65 -26.90 -20.00
N TRP B 199 21.47 -26.74 -18.96
CA TRP B 199 22.52 -25.74 -18.95
C TRP B 199 23.64 -26.24 -19.86
N ASP B 200 24.23 -25.34 -20.61
CA ASP B 200 25.42 -25.63 -21.43
C ASP B 200 26.74 -25.47 -20.65
N PRO B 201 27.34 -26.58 -20.20
CA PRO B 201 28.53 -26.49 -19.34
C PRO B 201 29.68 -25.77 -20.02
N SER B 202 29.76 -25.86 -21.33
CA SER B 202 30.84 -25.17 -22.02
C SER B 202 30.77 -23.66 -21.87
N TYR B 203 29.55 -23.13 -21.75
CA TYR B 203 29.37 -21.70 -21.60
C TYR B 203 29.86 -21.31 -20.19
N PHE B 204 29.33 -21.99 -19.20
CA PHE B 204 29.67 -21.67 -17.81
C PHE B 204 31.17 -21.78 -17.55
N LYS B 205 31.83 -22.77 -18.18
CA LYS B 205 33.25 -22.92 -17.99
C LYS B 205 33.94 -21.80 -18.70
N LEU B 206 33.48 -21.50 -19.90
CA LEU B 206 34.13 -20.52 -20.71
C LEU B 206 34.14 -19.15 -20.04
N VAL B 207 33.03 -18.74 -19.42
CA VAL B 207 32.97 -17.40 -18.82
C VAL B 207 33.42 -17.32 -17.35
N GLY B 208 33.77 -18.44 -16.74
CA GLY B 208 34.34 -18.43 -15.41
C GLY B 208 33.32 -18.64 -14.31
N LEU B 209 32.28 -19.37 -14.64
CA LEU B 209 31.24 -19.69 -13.70
C LEU B 209 31.04 -21.19 -13.55
N ALA B 210 32.10 -21.95 -13.69
CA ALA B 210 32.00 -23.38 -13.78
C ALA B 210 31.44 -23.98 -12.52
N ASP B 211 31.69 -23.29 -11.41
CA ASP B 211 31.26 -23.74 -10.11
C ASP B 211 29.74 -23.75 -9.93
N LEU B 212 29.00 -23.07 -10.80
CA LEU B 212 27.56 -23.03 -10.62
C LEU B 212 26.92 -24.32 -10.97
N LEU B 213 27.63 -25.13 -11.72
CA LEU B 213 27.09 -26.40 -12.17
C LEU B 213 27.31 -27.58 -11.21
N ASP B 214 28.06 -27.38 -10.14
CA ASP B 214 28.27 -28.44 -9.15
C ASP B 214 26.97 -28.88 -8.53
N ASN B 215 26.97 -30.12 -8.06
CA ASN B 215 25.80 -30.66 -7.40
CA ASN B 215 25.82 -30.68 -7.40
C ASN B 215 24.55 -30.56 -8.27
N ASN B 216 24.71 -30.92 -9.54
CA ASN B 216 23.58 -30.94 -10.45
C ASN B 216 23.05 -29.54 -10.66
N ALA B 217 23.94 -28.57 -10.57
CA ALA B 217 23.61 -27.16 -10.65
C ALA B 217 22.61 -26.71 -9.58
N ALA B 218 22.80 -27.18 -8.36
CA ALA B 218 21.88 -26.87 -7.25
C ALA B 218 21.62 -25.39 -7.10
N LYS B 219 22.68 -24.59 -7.20
CA LYS B 219 22.58 -23.16 -6.91
C LYS B 219 21.73 -22.39 -7.89
N ILE B 220 21.66 -22.86 -9.12
CA ILE B 220 20.91 -22.13 -10.17
C ILE B 220 19.68 -22.84 -10.78
N GLY B 221 19.42 -24.09 -10.42
CA GLY B 221 18.24 -24.74 -10.97
C GLY B 221 18.63 -26.15 -11.41
N ALA B 222 18.33 -27.12 -10.55
CA ALA B 222 18.58 -28.53 -10.87
C ALA B 222 17.40 -29.10 -11.63
N THR B 223 16.25 -28.45 -11.45
CA THR B 223 14.98 -28.85 -12.10
C THR B 223 14.35 -27.60 -12.70
N VAL B 224 13.82 -27.72 -13.93
CA VAL B 224 13.30 -26.58 -14.64
C VAL B 224 12.01 -27.04 -15.32
N LYS B 225 10.92 -26.28 -15.16
CA LYS B 225 9.58 -26.74 -15.55
C LYS B 225 8.76 -25.67 -16.32
N PRO B 226 7.72 -26.09 -17.04
CA PRO B 226 6.89 -25.15 -17.79
C PRO B 226 5.86 -24.45 -16.93
N MSE B 227 5.42 -23.28 -17.40
CA MSE B 227 4.38 -22.53 -16.73
C MSE B 227 3.12 -23.34 -16.69
O MSE B 227 2.82 -24.09 -17.62
CB MSE B 227 4.12 -21.18 -17.44
CG MSE B 227 5.18 -20.18 -17.08
SE MSE B 227 6.55 -19.85 -18.42
CE MSE B 227 7.71 -21.09 -17.63
N GLY B 228 2.41 -23.22 -15.57
CA GLY B 228 1.18 -23.96 -15.35
C GLY B 228 1.40 -25.26 -14.60
N ALA B 229 2.66 -25.69 -14.46
CA ALA B 229 2.95 -26.91 -13.72
C ALA B 229 2.86 -26.57 -12.23
N PRO B 230 2.28 -27.46 -11.42
CA PRO B 230 2.14 -27.15 -9.99
C PRO B 230 3.46 -27.45 -9.28
N LEU B 231 3.78 -26.59 -8.30
CA LEU B 231 5.01 -26.70 -7.55
C LEU B 231 4.79 -27.31 -6.18
N GLY B 232 5.79 -28.08 -5.76
CA GLY B 232 5.84 -28.65 -4.42
C GLY B 232 4.52 -29.34 -4.09
N HIS B 233 4.03 -29.15 -2.87
CA HIS B 233 2.70 -29.62 -2.52
C HIS B 233 1.82 -28.39 -2.32
N GLY B 234 1.98 -27.41 -3.20
CA GLY B 234 1.26 -26.17 -3.11
C GLY B 234 1.79 -25.23 -2.03
N LEU B 235 0.93 -24.30 -1.62
CA LEU B 235 1.33 -23.27 -0.69
C LEU B 235 1.81 -23.93 0.58
N SER B 236 3.01 -23.57 1.02
CA SER B 236 3.49 -24.13 2.27
C SER B 236 2.70 -23.65 3.47
N GLN B 237 2.86 -24.38 4.56
CA GLN B 237 2.21 -23.94 5.78
C GLN B 237 2.62 -22.55 6.16
N ARG B 238 3.91 -22.29 6.07
CA ARG B 238 4.44 -20.99 6.42
C ARG B 238 3.87 -19.88 5.53
N ALA B 239 3.96 -20.08 4.21
CA ALA B 239 3.50 -19.06 3.27
C ALA B 239 1.98 -18.85 3.42
N ALA B 240 1.25 -19.94 3.64
CA ALA B 240 -0.20 -19.81 3.83
C ALA B 240 -0.55 -18.95 5.04
N SER B 241 0.20 -19.09 6.13
CA SER B 241 0.00 -18.28 7.32
CA SER B 241 -0.06 -18.27 7.30
C SER B 241 0.30 -16.81 7.03
N GLU B 242 1.39 -16.58 6.29
CA GLU B 242 1.83 -15.23 5.98
C GLU B 242 0.86 -14.47 5.06
N MSE B 243 0.18 -15.21 4.19
CA MSE B 243 -0.68 -14.63 3.14
C MSE B 243 -2.14 -14.66 3.47
O MSE B 243 -2.97 -14.11 2.71
CB MSE B 243 -0.53 -15.41 1.81
CG MSE B 243 0.83 -15.31 1.22
SE MSE B 243 0.75 -16.25 -0.50
CE MSE B 243 0.98 -14.62 -1.58
N GLY B 244 -2.49 -15.33 4.57
CA GLY B 244 -3.88 -15.53 4.91
C GLY B 244 -4.64 -16.48 4.00
N LEU B 245 -3.96 -17.51 3.47
CA LEU B 245 -4.56 -18.47 2.55
C LEU B 245 -4.47 -19.90 3.10
N ILE B 246 -4.91 -20.88 2.30
CA ILE B 246 -4.98 -22.26 2.78
C ILE B 246 -3.76 -23.05 2.35
N PRO B 247 -3.11 -23.73 3.29
CA PRO B 247 -1.95 -24.52 2.84
C PRO B 247 -2.35 -25.52 1.77
N GLY B 248 -1.45 -25.70 0.79
CA GLY B 248 -1.66 -26.68 -0.27
C GLY B 248 -2.31 -26.07 -1.52
N THR B 249 -2.76 -24.82 -1.41
CA THR B 249 -3.34 -24.11 -2.56
C THR B 249 -2.33 -24.24 -3.71
N ALA B 250 -2.80 -24.65 -4.91
CA ALA B 250 -1.88 -24.83 -6.01
C ALA B 250 -1.09 -23.56 -6.37
N VAL B 251 0.20 -23.73 -6.70
CA VAL B 251 1.06 -22.64 -7.11
C VAL B 251 1.75 -23.00 -8.42
N SER B 252 1.59 -22.17 -9.45
CA SER B 252 2.25 -22.46 -10.73
C SER B 252 3.75 -22.14 -10.67
N VAL B 253 4.49 -22.77 -11.56
CA VAL B 253 5.82 -22.30 -11.94
C VAL B 253 5.71 -20.80 -12.32
N SER B 254 6.76 -20.02 -12.06
CA SER B 254 6.74 -18.56 -12.23
C SER B 254 6.93 -18.11 -13.70
N ILE B 255 6.82 -16.81 -13.89
CA ILE B 255 7.08 -16.25 -15.23
C ILE B 255 7.58 -14.82 -15.08
N ILE B 256 8.32 -14.32 -16.05
CA ILE B 256 8.75 -12.93 -16.04
C ILE B 256 7.56 -12.01 -16.36
N ASP B 257 7.58 -10.80 -15.80
CA ASP B 257 6.45 -9.89 -15.90
C ASP B 257 5.95 -9.62 -17.32
N ALA B 258 6.84 -9.27 -18.24
CA ALA B 258 6.36 -9.00 -19.60
C ALA B 258 5.69 -10.20 -20.22
N HIS B 259 6.23 -11.38 -19.92
CA HIS B 259 5.71 -12.61 -20.49
C HIS B 259 4.36 -12.94 -19.90
N ALA B 260 4.17 -12.59 -18.63
CA ALA B 260 2.83 -12.72 -18.03
C ALA B 260 1.78 -11.86 -18.72
N GLY B 261 2.17 -10.63 -19.04
CA GLY B 261 1.36 -9.74 -19.87
C GLY B 261 0.97 -10.37 -21.20
N THR B 262 1.93 -11.07 -21.81
CA THR B 262 1.67 -11.73 -23.06
C THR B 262 0.60 -12.86 -22.85
N ILE B 263 0.72 -13.65 -21.79
CA ILE B 263 -0.26 -14.69 -21.54
C ILE B 263 -1.63 -14.09 -21.31
N GLY B 264 -1.65 -12.99 -20.59
CA GLY B 264 -2.85 -12.22 -20.29
C GLY B 264 -3.66 -11.76 -21.49
N ILE B 265 -2.98 -11.52 -22.63
CA ILE B 265 -3.68 -10.98 -23.80
C ILE B 265 -3.61 -11.75 -25.10
N LEU B 266 -2.57 -12.54 -25.29
CA LEU B 266 -2.28 -13.09 -26.62
C LEU B 266 -3.30 -14.13 -27.09
N GLY B 267 -4.03 -14.71 -26.12
CA GLY B 267 -4.98 -15.78 -26.35
C GLY B 267 -6.47 -15.43 -26.29
N ALA B 268 -6.79 -14.15 -26.28
CA ALA B 268 -8.14 -13.65 -26.17
C ALA B 268 -8.76 -13.90 -27.57
N SER B 269 -9.72 -14.81 -27.68
CA SER B 269 -10.01 -15.34 -29.02
C SER B 269 -10.92 -14.47 -29.88
N GLY B 270 -10.53 -14.35 -31.14
CA GLY B 270 -11.35 -13.72 -32.16
C GLY B 270 -12.32 -14.68 -32.84
N VAL B 271 -12.35 -15.94 -32.40
CA VAL B 271 -13.26 -16.97 -32.93
C VAL B 271 -14.13 -17.61 -31.83
N THR B 272 -15.46 -17.44 -31.92
CA THR B 272 -16.35 -17.88 -30.83
C THR B 272 -16.28 -19.39 -30.57
N GLY B 273 -15.85 -19.81 -29.37
CA GLY B 273 -15.82 -21.23 -29.00
C GLY B 273 -14.58 -22.00 -29.40
N GLU B 274 -13.55 -21.27 -29.85
CA GLU B 274 -12.23 -21.82 -30.13
C GLU B 274 -11.16 -21.08 -29.31
N ASN B 275 -10.01 -21.72 -29.10
CA ASN B 275 -8.84 -21.04 -28.61
C ASN B 275 -8.36 -20.08 -29.69
N ALA B 276 -7.51 -19.12 -29.30
CA ALA B 276 -7.03 -18.11 -30.25
C ALA B 276 -5.98 -18.69 -31.19
N ASN B 277 -5.92 -18.12 -32.40
CA ASN B 277 -4.83 -18.40 -33.34
C ASN B 277 -3.66 -17.43 -33.09
N PHE B 278 -2.57 -17.92 -32.49
CA PHE B 278 -1.34 -17.12 -32.21
C PHE B 278 -0.44 -16.82 -33.40
N ASP B 279 -0.62 -17.57 -34.47
CA ASP B 279 0.40 -17.60 -35.52
C ASP B 279 0.55 -16.20 -36.14
N ARG B 280 -0.56 -15.49 -36.18
CA ARG B 280 -0.54 -14.20 -36.85
C ARG B 280 -0.68 -13.00 -35.91
N ARG B 281 -0.42 -13.23 -34.62
CA ARG B 281 -0.49 -12.15 -33.65
C ARG B 281 0.88 -11.79 -33.03
N ILE B 282 1.04 -10.53 -32.72
CA ILE B 282 2.12 -10.02 -31.91
C ILE B 282 1.51 -9.34 -30.67
N ALA B 283 2.16 -9.48 -29.53
CA ALA B 283 1.77 -8.82 -28.31
C ALA B 283 2.64 -7.60 -28.09
N LEU B 284 2.00 -6.47 -27.80
CA LEU B 284 2.74 -5.26 -27.47
C LEU B 284 2.53 -4.95 -26.00
N ILE B 285 3.52 -5.17 -25.17
CA ILE B 285 3.39 -4.97 -23.74
C ILE B 285 3.98 -3.60 -23.42
N GLY B 286 3.11 -2.61 -23.30
CA GLY B 286 3.47 -1.19 -23.29
C GLY B 286 3.72 -0.66 -21.91
N GLY B 287 4.11 0.60 -21.82
CA GLY B 287 4.53 1.15 -20.55
C GLY B 287 5.58 2.18 -20.87
N THR B 288 6.55 2.37 -19.99
CA THR B 288 7.58 3.36 -20.27
C THR B 288 8.42 2.84 -21.43
N SER B 289 8.53 1.52 -21.55
CA SER B 289 9.18 0.89 -22.70
C SER B 289 8.16 -0.14 -23.24
N THR B 290 8.41 -0.72 -24.41
CA THR B 290 7.46 -1.70 -24.95
C THR B 290 8.21 -2.97 -25.35
N ALA B 291 7.64 -4.13 -25.02
CA ALA B 291 8.16 -5.43 -25.49
C ALA B 291 7.24 -5.93 -26.61
N HIS B 292 7.82 -6.54 -27.63
CA HIS B 292 7.09 -7.00 -28.83
C HIS B 292 7.34 -8.49 -28.85
N MSE B 293 6.29 -9.26 -28.61
CA MSE B 293 6.49 -10.70 -28.37
C MSE B 293 5.62 -11.53 -29.31
O MSE B 293 4.45 -11.26 -29.45
CB MSE B 293 6.15 -11.02 -26.92
CG MSE B 293 6.98 -10.20 -25.88
SE MSE B 293 7.26 -11.42 -24.41
CE MSE B 293 8.67 -12.43 -25.35
N ALA B 294 6.22 -12.49 -30.00
CA ALA B 294 5.47 -13.39 -30.87
C ALA B 294 6.05 -14.78 -30.74
N MSE B 295 5.24 -15.78 -31.12
CA MSE B 295 5.67 -17.17 -31.01
C MSE B 295 5.42 -17.91 -32.30
O MSE B 295 4.44 -17.66 -32.98
CB MSE B 295 4.90 -17.84 -29.90
CG MSE B 295 5.41 -17.43 -28.57
SE MSE B 295 4.36 -18.31 -27.15
CE MSE B 295 2.78 -17.18 -27.22
N SER B 296 6.34 -18.83 -32.57
CA SER B 296 6.28 -19.69 -33.77
C SER B 296 6.45 -21.15 -33.43
N ARG B 297 5.91 -22.04 -34.24
CA ARG B 297 6.27 -23.46 -34.10
C ARG B 297 7.70 -23.82 -34.54
N SER B 298 8.37 -22.94 -35.29
CA SER B 298 9.76 -23.20 -35.68
C SER B 298 10.69 -22.14 -35.12
N ALA B 299 11.98 -22.45 -35.06
CA ALA B 299 13.00 -21.55 -34.59
C ALA B 299 13.42 -20.59 -35.69
N HIS B 300 13.42 -19.29 -35.38
CA HIS B 300 13.87 -18.29 -36.32
C HIS B 300 14.84 -17.39 -35.59
N PHE B 301 16.07 -17.33 -36.04
CA PHE B 301 17.01 -16.34 -35.53
C PHE B 301 16.83 -15.08 -36.38
N ILE B 302 16.41 -14.00 -35.74
CA ILE B 302 16.04 -12.80 -36.45
C ILE B 302 16.96 -11.67 -36.02
N SER B 303 17.70 -11.12 -36.99
CA SER B 303 18.58 -9.98 -36.69
C SER B 303 17.83 -8.83 -35.97
N GLY B 304 18.33 -8.41 -34.82
CA GLY B 304 17.71 -7.30 -34.08
C GLY B 304 16.56 -7.69 -33.18
N ILE B 305 16.31 -9.00 -33.03
CA ILE B 305 15.23 -9.46 -32.17
C ILE B 305 15.77 -10.60 -31.32
N TRP B 306 15.41 -10.67 -30.04
CA TRP B 306 15.95 -11.74 -29.19
C TRP B 306 15.22 -13.06 -29.43
N GLY B 307 15.87 -14.14 -29.01
CA GLY B 307 15.31 -15.49 -29.27
C GLY B 307 16.04 -16.15 -30.39
N PRO B 308 15.56 -17.30 -30.87
CA PRO B 308 14.31 -17.94 -30.47
C PRO B 308 14.44 -18.74 -29.16
N TYR B 309 13.49 -18.53 -28.24
CA TYR B 309 13.54 -19.20 -26.92
C TYR B 309 12.45 -20.28 -26.88
N TYR B 310 12.87 -21.56 -26.77
CA TYR B 310 11.91 -22.64 -26.88
C TYR B 310 11.12 -22.82 -25.58
N SER B 311 9.79 -22.87 -25.68
CA SER B 311 8.88 -23.10 -24.55
C SER B 311 9.04 -22.07 -23.43
N ALA B 312 9.45 -20.85 -23.78
CA ALA B 312 9.65 -19.81 -22.76
C ALA B 312 8.33 -19.24 -22.27
N ILE B 313 7.27 -19.46 -23.05
CA ILE B 313 5.94 -19.11 -22.62
C ILE B 313 5.03 -20.30 -22.77
N LEU B 314 4.73 -20.67 -24.02
CA LEU B 314 3.93 -21.88 -24.26
C LEU B 314 4.78 -23.09 -24.73
N PRO B 315 4.37 -24.31 -24.32
CA PRO B 315 5.10 -25.48 -24.81
C PRO B 315 5.03 -25.63 -26.35
N GLU B 316 6.13 -26.07 -26.91
CA GLU B 316 6.29 -26.39 -28.33
C GLU B 316 6.12 -25.13 -29.17
N TYR B 317 6.37 -23.99 -28.54
CA TYR B 317 6.47 -22.72 -29.28
C TYR B 317 7.80 -22.07 -29.00
N TRP B 318 8.37 -21.43 -30.03
CA TRP B 318 9.61 -20.70 -29.83
C TRP B 318 9.25 -19.23 -29.74
N LEU B 319 9.80 -18.54 -28.74
CA LEU B 319 9.46 -17.11 -28.52
C LEU B 319 10.52 -16.21 -29.15
N ASN B 320 10.08 -15.20 -29.91
CA ASN B 320 10.99 -14.13 -30.32
C ASN B 320 10.51 -12.83 -29.64
N GLU B 321 11.47 -12.06 -29.11
CA GLU B 321 11.15 -10.89 -28.31
C GLU B 321 11.95 -9.70 -28.83
N GLY B 322 11.26 -8.70 -29.32
CA GLY B 322 11.93 -7.42 -29.60
C GLY B 322 11.45 -6.33 -28.65
N GLY B 323 11.93 -5.12 -28.86
CA GLY B 323 11.42 -4.04 -28.03
C GLY B 323 11.79 -2.67 -28.55
N GLN B 324 11.17 -1.66 -27.92
CA GLN B 324 11.54 -0.28 -28.08
C GLN B 324 11.81 0.23 -26.67
N SER B 325 13.00 0.79 -26.45
CA SER B 325 13.39 1.09 -25.08
C SER B 325 12.66 2.27 -24.45
N ALA B 326 12.17 3.17 -25.27
CA ALA B 326 11.50 4.37 -24.74
C ALA B 326 10.26 4.62 -25.60
N THR B 327 9.13 4.27 -25.03
CA THR B 327 7.84 4.46 -25.70
C THR B 327 7.03 5.46 -24.88
N GLY B 328 6.36 5.00 -23.84
CA GLY B 328 5.79 5.94 -22.87
C GLY B 328 6.83 6.95 -22.38
N ALA B 329 8.05 6.51 -22.14
CA ALA B 329 9.10 7.40 -21.66
C ALA B 329 9.43 8.49 -22.68
N LEU B 330 9.36 8.14 -23.98
CA LEU B 330 9.63 9.14 -25.03
C LEU B 330 8.49 10.12 -25.14
N ILE B 331 7.27 9.61 -25.19
CA ILE B 331 6.07 10.48 -25.20
C ILE B 331 6.10 11.43 -24.01
N ASP B 332 6.37 10.91 -22.81
CA ASP B 332 6.47 11.80 -21.65
C ASP B 332 7.66 12.80 -21.72
N HIS B 333 8.81 12.39 -22.25
CA HIS B 333 9.94 13.27 -22.42
C HIS B 333 9.52 14.44 -23.34
N ILE B 334 8.88 14.12 -24.45
CA ILE B 334 8.48 15.16 -25.42
C ILE B 334 7.45 16.12 -24.82
N ILE B 335 6.44 15.57 -24.14
CA ILE B 335 5.35 16.36 -23.53
C ILE B 335 5.89 17.24 -22.42
N GLN B 336 6.64 16.60 -21.53
CA GLN B 336 7.01 17.27 -20.27
C GLN B 336 8.15 18.25 -20.45
N SER B 337 8.87 18.18 -21.57
CA SER B 337 9.94 19.11 -21.81
C SER B 337 9.39 20.35 -22.48
N HIS B 338 8.16 20.33 -22.99
CA HIS B 338 7.67 21.46 -23.78
C HIS B 338 7.32 22.62 -22.81
N PRO B 339 7.61 23.85 -23.18
CA PRO B 339 7.35 24.90 -22.17
C PRO B 339 5.85 25.14 -21.92
N CYS B 340 4.98 24.68 -22.83
CA CYS B 340 3.55 24.83 -22.59
C CYS B 340 2.98 23.79 -21.64
N TYR B 341 3.80 22.82 -21.26
CA TYR B 341 3.29 21.71 -20.49
C TYR B 341 2.59 22.08 -19.16
N PRO B 342 3.24 22.91 -18.33
CA PRO B 342 2.65 23.16 -17.01
C PRO B 342 1.30 23.83 -17.07
N ALA B 343 1.19 24.85 -17.93
CA ALA B 343 -0.10 25.48 -18.12
C ALA B 343 -1.13 24.52 -18.67
N LEU B 344 -0.76 23.64 -19.61
CA LEU B 344 -1.76 22.73 -20.12
C LEU B 344 -2.16 21.62 -19.09
N LEU B 345 -1.19 21.22 -18.28
CA LEU B 345 -1.41 20.19 -17.29
C LEU B 345 -2.43 20.70 -16.28
N GLU B 346 -2.19 21.90 -15.79
CA GLU B 346 -3.12 22.54 -14.85
C GLU B 346 -4.53 22.59 -15.38
N GLN B 347 -4.70 23.10 -16.60
CA GLN B 347 -6.01 23.11 -17.23
C GLN B 347 -6.64 21.75 -17.41
N ALA B 348 -5.82 20.74 -17.68
CA ALA B 348 -6.32 19.40 -17.89
C ALA B 348 -6.86 18.83 -16.57
N LYS B 349 -6.07 19.00 -15.52
CA LYS B 349 -6.39 18.50 -14.16
C LYS B 349 -7.71 19.08 -13.70
N ASN B 350 -7.88 20.36 -13.99
CA ASN B 350 -9.08 21.10 -13.59
C ASN B 350 -10.30 20.68 -14.35
N LYS B 351 -10.10 20.02 -15.47
CA LYS B 351 -11.23 19.56 -16.24
C LYS B 351 -11.38 18.07 -16.00
N GLY B 352 -10.56 17.54 -15.10
CA GLY B 352 -10.57 16.11 -14.82
C GLY B 352 -10.13 15.30 -16.01
N GLU B 353 -9.12 15.79 -16.74
CA GLU B 353 -8.56 14.98 -17.82
C GLU B 353 -7.06 14.81 -17.69
N THR B 354 -6.55 13.82 -18.40
CA THR B 354 -5.12 13.54 -18.46
C THR B 354 -4.52 14.53 -19.46
N ILE B 355 -3.22 14.74 -19.38
CA ILE B 355 -2.53 15.51 -20.40
C ILE B 355 -2.78 14.95 -21.80
N TYR B 356 -2.91 13.62 -21.94
CA TYR B 356 -3.12 13.05 -23.27
C TYR B 356 -4.49 13.42 -23.81
N GLU B 357 -5.48 13.48 -22.93
CA GLU B 357 -6.81 13.78 -23.38
C GLU B 357 -6.83 15.25 -23.83
N ALA B 358 -6.12 16.10 -23.10
CA ALA B 358 -6.05 17.53 -23.43
C ALA B 358 -5.34 17.74 -24.77
N LEU B 359 -4.24 17.02 -24.99
CA LEU B 359 -3.58 17.13 -26.31
C LEU B 359 -4.42 16.56 -27.47
N ASN B 360 -5.08 15.45 -27.24
CA ASN B 360 -5.91 14.87 -28.25
C ASN B 360 -7.02 15.79 -28.67
N TYR B 361 -7.54 16.56 -27.71
CA TYR B 361 -8.58 17.55 -27.99
C TYR B 361 -8.05 18.62 -28.93
N ILE B 362 -6.84 19.08 -28.64
CA ILE B 362 -6.18 20.09 -29.48
C ILE B 362 -6.03 19.52 -30.88
N LEU B 363 -5.55 18.28 -30.99
CA LEU B 363 -5.35 17.69 -32.29
C LEU B 363 -6.69 17.64 -33.07
N ARG B 364 -7.77 17.26 -32.40
CA ARG B 364 -9.06 17.20 -33.07
C ARG B 364 -9.50 18.56 -33.58
N GLN B 365 -9.27 19.58 -32.76
CA GLN B 365 -9.59 20.98 -33.17
C GLN B 365 -8.76 21.41 -34.37
N MSE B 366 -7.46 21.08 -34.36
CA MSE B 366 -6.59 21.51 -35.45
C MSE B 366 -6.92 20.78 -36.75
O MSE B 366 -6.73 21.34 -37.83
CB MSE B 366 -5.13 21.27 -35.10
CG MSE B 366 -4.68 21.99 -33.90
SE MSE B 366 -2.83 21.41 -33.47
CE MSE B 366 -2.00 22.23 -34.97
N ALA B 367 -7.38 19.54 -36.64
CA ALA B 367 -7.63 18.69 -37.77
C ALA B 367 -8.88 19.12 -38.54
N GLY B 368 -9.85 19.70 -37.81
CA GLY B 368 -11.11 20.05 -38.42
C GLY B 368 -11.97 18.81 -38.31
N GLU B 369 -11.84 17.89 -39.24
CA GLU B 369 -12.49 16.62 -38.98
C GLU B 369 -11.49 15.50 -38.76
N PRO B 370 -11.90 14.48 -38.00
CA PRO B 370 -10.96 13.53 -37.42
C PRO B 370 -10.13 12.77 -38.44
N GLU B 371 -10.67 12.48 -39.61
CA GLU B 371 -9.91 11.74 -40.60
C GLU B 371 -8.67 12.49 -41.09
N ASN B 372 -8.54 13.78 -40.73
CA ASN B 372 -7.39 14.57 -41.14
C ASN B 372 -6.32 14.64 -40.05
N ILE B 373 -6.52 13.93 -38.94
CA ILE B 373 -5.54 14.08 -37.81
C ILE B 373 -4.12 13.66 -38.20
N ALA B 374 -4.00 12.52 -38.85
CA ALA B 374 -2.68 11.95 -39.15
C ALA B 374 -1.86 12.91 -39.99
N PHE B 375 -2.55 13.67 -40.87
CA PHE B 375 -1.89 14.51 -41.85
C PHE B 375 -1.31 15.77 -41.23
N LEU B 376 -1.64 16.07 -39.98
CA LEU B 376 -1.13 17.28 -39.34
C LEU B 376 0.41 17.33 -39.28
N THR B 377 1.02 16.13 -39.38
CA THR B 377 2.45 16.03 -39.34
C THR B 377 3.07 15.79 -40.67
N ASN B 378 2.42 16.25 -41.74
CA ASN B 378 2.96 16.03 -43.05
C ASN B 378 4.38 16.49 -43.26
N ASP B 379 4.80 17.50 -42.52
CA ASP B 379 6.12 18.09 -42.65
C ASP B 379 6.92 18.01 -41.36
N ILE B 380 6.48 17.17 -40.42
CA ILE B 380 7.14 17.09 -39.12
C ILE B 380 7.46 15.61 -38.90
N HIS B 381 8.73 15.25 -38.73
CA HIS B 381 9.08 13.84 -38.62
C HIS B 381 10.02 13.61 -37.50
N MSE B 382 9.96 12.40 -36.94
CA MSE B 382 10.88 12.12 -35.83
C MSE B 382 11.51 10.72 -36.03
O MSE B 382 10.82 9.78 -36.38
CB MSE B 382 10.10 12.14 -34.50
CG MSE B 382 10.98 11.58 -33.34
SE MSE B 382 9.94 11.57 -31.66
CE MSE B 382 9.83 13.40 -31.33
N LEU B 383 12.80 10.63 -35.75
CA LEU B 383 13.46 9.33 -35.63
C LEU B 383 13.55 9.11 -34.10
N PRO B 384 12.88 8.08 -33.56
CA PRO B 384 12.59 8.01 -32.14
C PRO B 384 13.70 7.38 -31.28
N TYR B 385 14.91 7.18 -31.83
CA TYR B 385 15.93 6.36 -31.17
C TYR B 385 16.67 7.13 -30.09
N PHE B 386 15.92 7.78 -29.19
CA PHE B 386 16.57 8.72 -28.23
C PHE B 386 17.46 7.98 -27.24
N HIS B 387 17.11 6.73 -26.99
CA HIS B 387 17.93 5.88 -26.14
C HIS B 387 18.42 4.69 -26.95
N GLY B 388 18.81 4.96 -28.20
CA GLY B 388 19.31 3.95 -29.13
C GLY B 388 18.14 3.22 -29.76
N ASN B 389 18.41 2.17 -30.53
CA ASN B 389 17.29 1.33 -30.99
C ASN B 389 17.57 -0.10 -30.62
N ARG B 390 16.64 -0.70 -29.90
CA ARG B 390 16.76 -2.11 -29.52
C ARG B 390 16.48 -3.04 -30.69
N SER B 391 15.26 -2.95 -31.21
CA SER B 391 14.79 -3.75 -32.34
C SER B 391 14.26 -2.88 -33.46
N PRO B 392 14.58 -3.22 -34.72
CA PRO B 392 15.42 -4.34 -35.18
C PRO B 392 16.88 -3.97 -35.45
N ARG B 393 17.31 -2.75 -35.09
CA ARG B 393 18.63 -2.31 -35.47
C ARG B 393 19.69 -2.71 -34.45
N ALA B 394 19.27 -2.99 -33.23
CA ALA B 394 20.20 -3.43 -32.18
C ALA B 394 21.42 -2.54 -32.09
N ASN B 395 21.21 -1.25 -31.96
CA ASN B 395 22.33 -0.34 -31.83
C ASN B 395 22.05 0.69 -30.73
N PRO B 396 22.64 0.50 -29.55
CA PRO B 396 22.38 1.36 -28.38
C PRO B 396 22.94 2.76 -28.58
N ASN B 397 23.72 2.98 -29.61
CA ASN B 397 24.40 4.30 -29.78
C ASN B 397 23.64 5.23 -30.71
N LEU B 398 22.55 4.77 -31.32
CA LEU B 398 21.78 5.64 -32.20
C LEU B 398 21.11 6.73 -31.33
N THR B 399 20.76 7.85 -31.95
CA THR B 399 20.15 8.98 -31.27
C THR B 399 18.92 9.51 -32.08
N GLY B 400 18.14 10.40 -31.48
CA GLY B 400 16.94 10.90 -32.12
C GLY B 400 17.16 12.07 -33.07
N ILE B 401 16.19 12.23 -33.96
CA ILE B 401 16.17 13.42 -34.81
C ILE B 401 14.75 13.95 -34.82
N ILE B 402 14.58 15.28 -34.83
CA ILE B 402 13.25 15.86 -35.05
C ILE B 402 13.36 16.89 -36.16
N THR B 403 12.40 16.85 -37.10
CA THR B 403 12.36 17.84 -38.18
C THR B 403 11.10 18.69 -38.10
N GLY B 404 11.04 19.71 -38.96
CA GLY B 404 9.85 20.55 -38.96
C GLY B 404 9.73 21.51 -37.80
N LEU B 405 10.86 21.84 -37.19
CA LEU B 405 10.82 22.69 -35.97
C LEU B 405 10.56 24.15 -36.34
N LYS B 406 9.73 24.79 -35.54
CA LYS B 406 9.50 26.22 -35.76
C LYS B 406 9.75 26.99 -34.49
N LEU B 407 9.79 28.31 -34.62
CA LEU B 407 10.04 29.19 -33.51
C LEU B 407 8.65 29.60 -33.09
N SER B 408 8.00 28.70 -32.39
CA SER B 408 6.64 28.88 -31.90
C SER B 408 6.64 28.03 -30.65
N THR B 409 5.96 28.50 -29.59
CA THR B 409 5.82 27.72 -28.38
C THR B 409 4.39 27.93 -27.96
N THR B 410 3.47 27.20 -28.59
CA THR B 410 2.04 27.22 -28.24
C THR B 410 1.59 25.78 -27.92
N PRO B 411 0.39 25.62 -27.37
CA PRO B 411 -0.07 24.25 -27.13
C PRO B 411 -0.27 23.47 -28.43
N GLU B 412 -0.65 24.13 -29.53
CA GLU B 412 -0.70 23.51 -30.85
C GLU B 412 0.62 22.91 -31.25
N ASP B 413 1.73 23.63 -31.03
CA ASP B 413 3.03 23.06 -31.38
CA ASP B 413 3.04 23.11 -31.35
C ASP B 413 3.32 21.85 -30.53
N MSE B 414 3.01 21.94 -29.24
CA MSE B 414 3.22 20.81 -28.36
C MSE B 414 2.40 19.61 -28.86
O MSE B 414 2.89 18.47 -28.85
CB MSE B 414 2.83 21.19 -26.90
CG MSE B 414 3.02 20.02 -25.93
SE MSE B 414 2.48 20.66 -24.17
CE MSE B 414 0.78 21.23 -24.73
N ALA B 415 1.16 19.85 -29.27
CA ALA B 415 0.31 18.74 -29.69
C ALA B 415 0.90 18.09 -30.95
N LEU B 416 1.44 18.91 -31.85
CA LEU B 416 2.02 18.32 -33.06
C LEU B 416 3.25 17.48 -32.75
N ARG B 417 4.10 17.97 -31.86
CA ARG B 417 5.26 17.20 -31.52
C ARG B 417 4.86 15.89 -30.85
N TYR B 418 3.89 15.94 -29.95
CA TYR B 418 3.35 14.68 -29.35
C TYR B 418 2.80 13.73 -30.45
N LEU B 419 1.98 14.22 -31.38
CA LEU B 419 1.47 13.35 -32.44
C LEU B 419 2.63 12.72 -33.26
N ALA B 420 3.61 13.54 -33.62
CA ALA B 420 4.77 13.03 -34.36
C ALA B 420 5.50 11.95 -33.59
N THR B 421 5.49 12.04 -32.28
CA THR B 421 6.13 11.04 -31.45
C THR B 421 5.35 9.73 -31.49
N ILE B 422 4.04 9.83 -31.31
CA ILE B 422 3.18 8.64 -31.41
C ILE B 422 3.41 7.93 -32.77
N GLN B 423 3.40 8.71 -33.84
CA GLN B 423 3.57 8.14 -35.15
C GLN B 423 4.93 7.53 -35.36
N ALA B 424 6.00 8.16 -34.85
CA ALA B 424 7.32 7.60 -34.97
C ALA B 424 7.40 6.28 -34.25
N LEU B 425 6.80 6.20 -33.07
CA LEU B 425 6.82 4.94 -32.33
C LEU B 425 6.03 3.86 -33.07
N ALA B 426 4.93 4.24 -33.71
CA ALA B 426 4.09 3.30 -34.47
C ALA B 426 4.83 2.79 -35.69
N LEU B 427 5.58 3.70 -36.31
CA LEU B 427 6.43 3.32 -37.43
C LEU B 427 7.57 2.40 -37.02
N GLY B 428 8.17 2.62 -35.85
CA GLY B 428 9.16 1.72 -35.31
C GLY B 428 8.53 0.32 -35.07
N THR B 429 7.27 0.31 -34.61
CA THR B 429 6.55 -0.96 -34.42
C THR B 429 6.35 -1.66 -35.78
N ARG B 430 6.00 -0.89 -36.80
CA ARG B 430 5.85 -1.41 -38.17
C ARG B 430 7.17 -2.05 -38.60
N HIS B 431 8.30 -1.39 -38.30
CA HIS B 431 9.60 -1.94 -38.73
C HIS B 431 9.87 -3.31 -38.01
N ILE B 432 9.59 -3.39 -36.71
CA ILE B 432 9.72 -4.65 -35.98
C ILE B 432 8.81 -5.72 -36.63
N ILE B 433 7.55 -5.41 -36.83
CA ILE B 433 6.62 -6.39 -37.42
C ILE B 433 7.10 -6.82 -38.80
N GLU B 434 7.46 -5.85 -39.63
CA GLU B 434 8.03 -6.20 -40.94
C GLU B 434 9.23 -7.12 -40.86
N THR B 435 10.16 -6.86 -39.93
CA THR B 435 11.35 -7.66 -39.77
C THR B 435 10.94 -9.08 -39.39
N MSE B 436 10.00 -9.17 -38.47
CA MSE B 436 9.55 -10.51 -38.09
C MSE B 436 8.89 -11.24 -39.28
O MSE B 436 9.12 -12.45 -39.48
CB MSE B 436 8.61 -10.45 -36.88
CG MSE B 436 9.43 -9.91 -35.75
SE MSE B 436 8.40 -9.90 -34.12
CE MSE B 436 8.51 -11.74 -33.73
N ASN B 437 8.05 -10.54 -40.03
CA ASN B 437 7.39 -11.14 -41.19
C ASN B 437 8.32 -11.47 -42.35
N GLN B 438 9.56 -10.99 -42.36
CA GLN B 438 10.56 -11.34 -43.38
C GLN B 438 11.44 -12.50 -42.88
N ASN B 439 11.16 -12.95 -41.65
CA ASN B 439 12.00 -13.90 -40.93
C ASN B 439 11.21 -14.98 -40.22
N GLY B 440 10.08 -15.33 -40.77
CA GLY B 440 9.31 -16.47 -40.23
C GLY B 440 7.88 -16.26 -39.79
N TYR B 441 7.46 -15.02 -39.60
CA TYR B 441 6.12 -14.74 -39.13
C TYR B 441 5.17 -14.21 -40.23
N ASN B 442 3.88 -14.13 -39.91
CA ASN B 442 2.91 -13.57 -40.82
C ASN B 442 1.97 -12.72 -40.03
N ILE B 443 2.56 -11.85 -39.23
CA ILE B 443 1.74 -11.10 -38.28
C ILE B 443 0.82 -10.11 -38.98
N ASP B 444 -0.44 -10.07 -38.57
CA ASP B 444 -1.37 -9.06 -39.06
C ASP B 444 -2.27 -8.44 -38.02
N THR B 445 -2.01 -8.74 -36.74
CA THR B 445 -2.89 -8.29 -35.65
C THR B 445 -2.00 -8.05 -34.46
N MSE B 446 -2.27 -6.95 -33.77
CA MSE B 446 -1.55 -6.64 -32.55
C MSE B 446 -2.45 -6.71 -31.33
O MSE B 446 -3.54 -6.14 -31.35
CB MSE B 446 -0.96 -5.22 -32.61
CG MSE B 446 0.04 -5.01 -33.71
SE MSE B 446 0.55 -3.10 -33.86
CE MSE B 446 -1.15 -2.33 -34.61
N MSE B 447 -2.00 -7.37 -30.27
CA MSE B 447 -2.73 -7.41 -28.99
C MSE B 447 -1.96 -6.46 -28.14
O MSE B 447 -0.74 -6.57 -28.08
CB MSE B 447 -2.64 -8.79 -28.37
CG MSE B 447 -2.90 -9.90 -29.34
SE MSE B 447 -4.62 -9.79 -30.30
CE MSE B 447 -5.78 -10.13 -28.77
N ALA B 448 -2.64 -5.53 -27.50
CA ALA B 448 -1.87 -4.54 -26.78
C ALA B 448 -2.26 -4.45 -25.32
N SER B 449 -1.30 -4.11 -24.46
CA SER B 449 -1.65 -3.91 -23.07
C SER B 449 -0.83 -2.75 -22.54
N GLY B 450 -1.32 -2.14 -21.49
CA GLY B 450 -0.54 -1.16 -20.78
C GLY B 450 -0.65 0.21 -21.37
N GLY B 451 0.39 0.99 -21.09
CA GLY B 451 0.33 2.40 -21.40
C GLY B 451 0.05 2.60 -22.85
N GLY B 452 -0.84 3.53 -23.14
CA GLY B 452 -1.11 3.88 -24.53
C GLY B 452 -2.44 3.26 -24.93
N THR B 453 -2.78 2.14 -24.31
CA THR B 453 -4.04 1.53 -24.70
C THR B 453 -5.30 2.29 -24.30
N LYS B 454 -5.19 3.23 -23.39
CA LYS B 454 -6.33 4.08 -23.03
C LYS B 454 -6.30 5.41 -23.73
N ASN B 455 -5.40 5.54 -24.69
CA ASN B 455 -5.23 6.79 -25.48
C ASN B 455 -5.72 6.46 -26.91
N PRO B 456 -6.91 6.95 -27.25
CA PRO B 456 -7.51 6.53 -28.53
C PRO B 456 -6.70 6.95 -29.77
N ILE B 457 -5.99 8.09 -29.69
CA ILE B 457 -5.14 8.48 -30.82
C ILE B 457 -3.89 7.58 -30.94
N PHE B 458 -3.27 7.26 -29.81
CA PHE B 458 -2.17 6.30 -29.79
C PHE B 458 -2.59 4.99 -30.46
N VAL B 459 -3.73 4.43 -30.04
CA VAL B 459 -4.21 3.15 -30.58
C VAL B 459 -4.48 3.19 -32.09
N GLN B 460 -5.28 4.18 -32.51
CA GLN B 460 -5.69 4.32 -33.91
C GLN B 460 -4.51 4.55 -34.85
N GLU B 461 -3.54 5.36 -34.42
CA GLU B 461 -2.42 5.59 -35.30
C GLU B 461 -1.43 4.43 -35.33
N HIS B 462 -1.40 3.61 -34.27
CA HIS B 462 -0.65 2.38 -34.38
C HIS B 462 -1.28 1.47 -35.43
N ALA B 463 -2.58 1.40 -35.41
CA ALA B 463 -3.25 0.56 -36.37
C ALA B 463 -3.03 1.09 -37.80
N ASN B 464 -3.14 2.40 -37.97
CA ASN B 464 -2.91 3.01 -39.28
C ASN B 464 -1.50 2.87 -39.82
N ALA B 465 -0.49 3.08 -38.97
CA ALA B 465 0.87 2.98 -39.43
C ALA B 465 1.31 1.58 -39.76
N THR B 466 0.84 0.57 -39.01
CA THR B 466 1.27 -0.76 -39.21
C THR B 466 0.38 -1.47 -40.24
N GLY B 467 -0.82 -0.97 -40.48
CA GLY B 467 -1.84 -1.66 -41.26
C GLY B 467 -2.36 -2.93 -40.58
N CYS B 468 -2.14 -3.03 -39.26
CA CYS B 468 -2.63 -4.15 -38.45
C CYS B 468 -3.69 -3.65 -37.49
N ALA B 469 -4.72 -4.45 -37.27
CA ALA B 469 -5.70 -4.11 -36.23
C ALA B 469 -5.04 -4.13 -34.85
N MSE B 470 -5.50 -3.26 -33.96
CA MSE B 470 -5.04 -3.30 -32.59
C MSE B 470 -6.17 -3.78 -31.72
O MSE B 470 -7.23 -3.16 -31.67
CB MSE B 470 -4.57 -1.95 -32.07
CG MSE B 470 -4.02 -2.13 -30.60
SE MSE B 470 -2.66 -0.73 -30.26
CE MSE B 470 -1.66 -1.66 -31.57
N LEU B 471 -5.94 -4.86 -30.98
CA LEU B 471 -7.01 -5.43 -30.18
C LEU B 471 -6.74 -5.17 -28.74
N LEU B 472 -7.71 -4.55 -28.05
CA LEU B 472 -7.53 -4.11 -26.66
C LEU B 472 -8.32 -5.04 -25.75
N PRO B 473 -7.79 -5.33 -24.58
CA PRO B 473 -8.35 -6.37 -23.70
C PRO B 473 -9.54 -5.86 -22.89
N GLU B 474 -10.50 -6.73 -22.56
CA GLU B 474 -11.55 -6.37 -21.60
C GLU B 474 -10.97 -5.96 -20.28
N GLU B 475 -10.04 -6.77 -19.76
CA GLU B 475 -9.40 -6.52 -18.46
C GLU B 475 -8.06 -5.84 -18.71
N SER B 476 -7.86 -4.65 -18.15
CA SER B 476 -6.62 -3.89 -18.37
C SER B 476 -5.37 -4.47 -17.69
N GLU B 477 -5.60 -5.26 -16.64
CA GLU B 477 -4.54 -5.76 -15.79
C GLU B 477 -3.91 -7.03 -16.33
N ALA B 478 -3.25 -6.91 -17.47
CA ALA B 478 -2.73 -8.06 -18.18
C ALA B 478 -1.77 -8.96 -17.41
N MSE B 479 -0.79 -8.38 -16.72
CA MSE B 479 0.16 -9.24 -16.01
C MSE B 479 -0.53 -9.95 -14.84
O MSE B 479 -0.30 -11.15 -14.61
CB MSE B 479 1.38 -8.45 -15.57
CG MSE B 479 2.06 -7.79 -16.80
SE MSE B 479 3.50 -6.71 -16.09
CE MSE B 479 4.46 -6.12 -17.71
N LEU B 480 -1.38 -9.27 -14.08
CA LEU B 480 -2.02 -9.97 -12.95
C LEU B 480 -2.90 -11.08 -13.53
N LEU B 481 -3.57 -10.79 -14.64
CA LEU B 481 -4.47 -11.78 -15.21
C LEU B 481 -3.71 -12.99 -15.77
N GLY B 482 -2.63 -12.76 -16.51
CA GLY B 482 -1.84 -13.85 -17.01
C GLY B 482 -1.33 -14.72 -15.87
N SER B 483 -0.90 -14.10 -14.77
CA SER B 483 -0.39 -14.89 -13.66
C SER B 483 -1.53 -15.73 -13.08
N ALA B 484 -2.69 -15.11 -12.87
CA ALA B 484 -3.86 -15.89 -12.38
C ALA B 484 -4.22 -17.08 -13.31
N MSE B 485 -4.13 -16.88 -14.63
CA MSE B 485 -4.35 -17.99 -15.58
C MSE B 485 -3.40 -19.16 -15.35
O MSE B 485 -3.80 -20.32 -15.37
CB MSE B 485 -4.18 -17.48 -17.01
CG MSE B 485 -5.24 -16.49 -17.39
SE MSE B 485 -4.69 -15.84 -19.16
CE MSE B 485 -6.37 -14.93 -19.59
N MSE B 486 -2.14 -18.86 -15.07
CA MSE B 486 -1.20 -19.93 -14.71
C MSE B 486 -1.66 -20.69 -13.49
O MSE B 486 -1.52 -21.90 -13.47
CB MSE B 486 0.20 -19.36 -14.45
CG MSE B 486 0.72 -18.68 -15.69
SE MSE B 486 2.65 -18.31 -15.50
CE MSE B 486 2.68 -17.34 -13.75
N GLY B 487 -2.20 -19.98 -12.49
CA GLY B 487 -2.72 -20.60 -11.27
C GLY B 487 -3.82 -21.61 -11.63
N THR B 488 -4.72 -21.26 -12.55
CA THR B 488 -5.82 -22.18 -12.91
C THR B 488 -5.28 -23.46 -13.53
N VAL B 489 -4.21 -23.34 -14.30
CA VAL B 489 -3.64 -24.53 -14.90
C VAL B 489 -2.97 -25.39 -13.84
N ALA B 490 -2.28 -24.73 -12.90
CA ALA B 490 -1.57 -25.49 -11.87
C ALA B 490 -2.60 -26.20 -10.99
N ALA B 491 -3.74 -25.55 -10.79
CA ALA B 491 -4.86 -26.14 -10.01
C ALA B 491 -5.61 -27.24 -10.78
N GLY B 492 -5.39 -27.32 -12.08
CA GLY B 492 -6.00 -28.36 -12.92
C GLY B 492 -7.37 -28.00 -13.47
N VAL B 493 -7.76 -26.75 -13.31
CA VAL B 493 -9.08 -26.27 -13.68
C VAL B 493 -9.18 -26.20 -15.19
N PHE B 494 -8.12 -25.69 -15.84
CA PHE B 494 -7.96 -25.78 -17.28
C PHE B 494 -6.82 -26.70 -17.60
N GLU B 495 -6.90 -27.36 -18.75
CA GLU B 495 -5.92 -28.39 -19.06
C GLU B 495 -4.63 -27.84 -19.69
N SER B 496 -4.68 -26.59 -20.13
CA SER B 496 -3.54 -25.99 -20.83
C SER B 496 -3.69 -24.47 -20.77
N LEU B 497 -2.58 -23.76 -20.95
CA LEU B 497 -2.61 -22.31 -20.98
C LEU B 497 -3.50 -21.71 -22.06
N PRO B 498 -3.40 -22.23 -23.31
CA PRO B 498 -4.26 -21.73 -24.39
C PRO B 498 -5.73 -21.84 -24.02
N GLU B 499 -6.12 -22.95 -23.40
CA GLU B 499 -7.45 -23.13 -22.83
C GLU B 499 -7.80 -22.07 -21.81
N ALA B 500 -6.92 -21.87 -20.83
CA ALA B 500 -7.19 -20.83 -19.81
C ALA B 500 -7.33 -19.45 -20.45
N MSE B 501 -6.45 -19.17 -21.39
CA MSE B 501 -6.38 -17.84 -22.01
C MSE B 501 -7.65 -17.52 -22.75
O MSE B 501 -8.16 -16.39 -22.68
CB MSE B 501 -5.21 -17.79 -23.01
CG MSE B 501 -3.86 -17.81 -22.28
SE MSE B 501 -2.33 -18.38 -23.41
CE MSE B 501 -2.07 -16.74 -24.35
N ALA B 502 -8.19 -18.53 -23.44
CA ALA B 502 -9.43 -18.34 -24.19
C ALA B 502 -10.61 -18.13 -23.27
N ALA B 503 -10.58 -18.74 -22.08
CA ALA B 503 -11.68 -18.67 -21.16
C ALA B 503 -11.61 -17.41 -20.33
N MSE B 504 -10.39 -16.90 -20.09
CA MSE B 504 -10.21 -15.83 -19.09
C MSE B 504 -9.83 -14.48 -19.64
O MSE B 504 -9.71 -13.51 -18.88
CB MSE B 504 -9.26 -16.29 -17.97
CG MSE B 504 -9.88 -17.45 -17.22
SE MSE B 504 -8.56 -18.15 -15.94
CE MSE B 504 -8.50 -16.69 -14.62
N SER B 505 -9.67 -14.38 -20.95
CA SER B 505 -9.47 -13.06 -21.55
C SER B 505 -10.32 -12.94 -22.81
N ARG B 506 -10.78 -11.73 -23.06
CA ARG B 506 -11.43 -11.52 -24.35
C ARG B 506 -11.15 -10.14 -24.86
N ILE B 507 -11.53 -9.90 -26.11
CA ILE B 507 -11.24 -8.64 -26.76
C ILE B 507 -12.29 -7.64 -26.33
N GLY B 508 -11.86 -6.50 -25.81
CA GLY B 508 -12.76 -5.43 -25.38
C GLY B 508 -13.03 -4.43 -26.49
N LYS B 509 -12.12 -4.36 -27.46
CA LYS B 509 -12.22 -3.33 -28.48
C LYS B 509 -11.28 -3.69 -29.59
N THR B 510 -11.75 -3.55 -30.82
CA THR B 510 -10.94 -3.82 -31.96
C THR B 510 -10.85 -2.54 -32.72
N VAL B 511 -9.63 -2.06 -32.91
CA VAL B 511 -9.42 -0.82 -33.67
C VAL B 511 -8.73 -1.18 -34.96
N THR B 512 -9.43 -0.99 -36.06
CA THR B 512 -8.87 -1.33 -37.34
C THR B 512 -8.20 -0.14 -38.00
N PRO B 513 -7.26 -0.40 -38.91
CA PRO B 513 -6.77 0.67 -39.78
C PRO B 513 -7.95 1.31 -40.49
N GLN B 514 -7.78 2.57 -40.81
CA GLN B 514 -8.82 3.34 -41.46
C GLN B 514 -8.72 3.25 -42.99
N THR B 515 -8.82 4.37 -43.70
CA THR B 515 -8.89 4.37 -45.16
C THR B 515 -7.57 4.10 -45.89
N ASN B 516 -7.68 3.82 -47.17
CA ASN B 516 -6.49 3.60 -47.97
C ASN B 516 -5.66 4.88 -48.04
N LYS B 517 -6.34 6.03 -48.05
CA LYS B 517 -5.70 7.34 -48.05
C LYS B 517 -4.80 7.50 -46.82
N ILE B 518 -5.35 7.16 -45.65
CA ILE B 518 -4.58 7.27 -44.41
C ILE B 518 -3.45 6.26 -44.43
N LYS B 519 -3.72 5.03 -44.84
CA LYS B 519 -2.67 4.02 -44.91
C LYS B 519 -1.53 4.43 -45.83
N ALA B 520 -1.84 4.98 -47.01
CA ALA B 520 -0.80 5.43 -47.92
C ALA B 520 0.04 6.60 -47.36
N TYR B 521 -0.60 7.47 -46.64
CA TYR B 521 0.10 8.54 -45.91
C TYR B 521 1.17 7.92 -45.00
N TYR B 522 0.80 6.89 -44.22
CA TYR B 522 1.79 6.24 -43.36
C TYR B 522 2.89 5.53 -44.16
N ASP B 523 2.54 4.97 -45.33
CA ASP B 523 3.58 4.42 -46.21
C ASP B 523 4.65 5.44 -46.57
N ARG B 524 4.20 6.65 -46.88
CA ARG B 524 5.13 7.74 -47.17
C ARG B 524 5.90 8.15 -45.92
N LYS B 525 5.19 8.28 -44.79
CA LYS B 525 5.91 8.57 -43.52
C LYS B 525 6.97 7.54 -43.20
N TYR B 526 6.70 6.29 -43.53
CA TYR B 526 7.62 5.21 -43.26
C TYR B 526 8.83 5.27 -44.17
N ARG B 527 8.62 5.74 -45.39
CA ARG B 527 9.77 5.97 -46.28
C ARG B 527 10.67 7.05 -45.64
N VAL B 528 10.06 8.11 -45.11
CA VAL B 528 10.86 9.15 -44.42
C VAL B 528 11.55 8.57 -43.20
N PHE B 529 10.82 7.79 -42.39
CA PHE B 529 11.38 7.13 -41.21
C PHE B 529 12.66 6.36 -41.52
N HIS B 530 12.67 5.56 -42.59
CA HIS B 530 13.86 4.84 -43.01
C HIS B 530 14.97 5.73 -43.57
N GLN B 531 14.56 6.76 -44.31
CA GLN B 531 15.57 7.64 -44.86
C GLN B 531 16.30 8.38 -43.73
N MSE B 532 15.58 8.75 -42.67
CA MSE B 532 16.28 9.46 -41.58
C MSE B 532 17.41 8.67 -40.95
O MSE B 532 18.39 9.23 -40.46
CB MSE B 532 15.27 9.91 -40.49
CG MSE B 532 14.30 10.97 -41.02
SE MSE B 532 13.10 11.48 -39.57
CE MSE B 532 14.28 12.41 -38.70
N TYR B 533 17.26 7.34 -40.87
CA TYR B 533 18.36 6.52 -40.35
C TYR B 533 19.58 6.63 -41.27
N HIS B 534 19.35 6.53 -42.56
CA HIS B 534 20.45 6.60 -43.50
C HIS B 534 21.08 7.98 -43.44
N ASP B 535 20.26 9.00 -43.20
CA ASP B 535 20.80 10.39 -43.14
C ASP B 535 21.68 10.51 -41.89
N HIS B 536 21.20 9.96 -40.76
CA HIS B 536 21.97 9.95 -39.54
C HIS B 536 23.33 9.33 -39.75
N MSE B 537 23.37 8.18 -40.42
CA MSE B 537 24.63 7.52 -40.68
C MSE B 537 25.55 8.31 -41.61
O MSE B 537 26.76 8.34 -41.42
CB MSE B 537 24.37 6.12 -41.28
CG MSE B 537 23.65 5.20 -40.30
SE MSE B 537 24.62 4.86 -38.64
CE MSE B 537 25.94 3.55 -39.38
N ARG B 538 24.95 9.03 -42.55
CA ARG B 538 25.69 9.88 -43.46
C ARG B 538 26.32 11.09 -42.69
N TYR B 539 25.58 11.69 -41.74
CA TYR B 539 26.20 12.77 -40.99
C TYR B 539 27.42 12.25 -40.25
N GLN B 540 27.30 11.07 -39.69
CA GLN B 540 28.40 10.49 -38.97
C GLN B 540 29.62 10.29 -39.89
N ALA B 541 29.37 9.81 -41.08
CA ALA B 541 30.40 9.60 -42.08
C ALA B 541 31.08 10.90 -42.49
N LEU B 542 30.29 11.93 -42.74
CA LEU B 542 30.81 13.25 -43.03
C LEU B 542 31.68 13.82 -41.93
N MSE B 543 31.34 13.55 -40.70
CA MSE B 543 32.12 14.06 -39.58
C MSE B 543 33.44 13.35 -39.34
O MSE B 543 34.29 13.89 -38.76
CB MSE B 543 31.29 14.09 -38.28
CG MSE B 543 30.18 15.07 -38.27
SE MSE B 543 30.72 16.89 -38.81
CE MSE B 543 32.11 17.15 -37.47
N GLN B 544 33.57 12.14 -39.85
CA GLN B 544 34.80 11.35 -39.71
C GLN B 544 35.98 11.86 -40.50
C1 XUL C . -3.84 6.46 20.06
C2 XUL C . -4.16 7.88 20.50
C3 XUL C . -5.22 7.89 21.59
C4 XUL C . -5.30 9.28 22.20
C5 XUL C . -6.75 9.68 22.48
O1 XUL C . -4.94 5.98 19.28
O2 XUL C . -4.17 8.80 19.70
O3 XUL C . -6.45 7.61 20.93
O4 XUL C . -4.58 9.25 23.42
O5 XUL C . -6.77 10.95 23.12
N1 EPE D . 7.56 -4.12 -17.42
C2 EPE D . 8.35 -4.90 -18.37
C3 EPE D . 9.53 -5.62 -17.73
N4 EPE D . 10.04 -5.06 -16.47
C5 EPE D . 9.26 -4.10 -15.71
C6 EPE D . 8.45 -3.25 -16.65
C7 EPE D . 11.42 -5.31 -16.08
C8 EPE D . 12.04 -6.53 -16.70
O8 EPE D . 11.37 -7.66 -16.21
C9 EPE D . 6.63 -3.28 -18.19
C10 EPE D . 6.23 -2.14 -17.28
S EPE D . 7.09 -0.64 -17.84
O1S EPE D . 6.22 0.52 -17.60
O2S EPE D . 8.33 -0.47 -17.07
O3S EPE D . 7.36 -0.75 -19.28
C1 GOL E . 35.46 -12.79 1.94
O1 GOL E . 36.17 -12.61 0.71
C2 GOL E . 35.28 -11.40 2.56
O2 GOL E . 35.27 -10.45 1.51
C3 GOL E . 34.04 -11.28 3.45
O3 GOL E . 34.31 -10.55 4.64
#